data_2FPO
#
_entry.id   2FPO
#
_cell.length_a   70.504
_cell.length_b   96.912
_cell.length_c   193.961
_cell.angle_alpha   90.00
_cell.angle_beta   92.21
_cell.angle_gamma   90.00
#
_symmetry.space_group_name_H-M   'C 1 2 1'
#
loop_
_entity.id
_entity.type
_entity.pdbx_description
1 polymer 'methylase yhhF'
2 non-polymer 'CHLORIDE ION'
3 non-polymer 1,2-ETHANEDIOL
4 water water
#
_entity_poly.entity_id   1
_entity_poly.type   'polypeptide(L)'
_entity_poly.pdbx_seq_one_letter_code
;GH(MSE)KKPNHSGSGQIRIIGGQWRGRKLPVPDSPGLRPTTDRVRETLFNWLAPVIVDAQCLDCFAGSGALGLEALSRY
AAGATLIE(MSE)DRAVSQQLIKNLATLKAGNARVVNSNA(MSE)SFLAQKGTPHNIVFVDPPFRRGLLEETINLLEDNG
WLADEALIYVESEVENGLPTVPANWSLHREKVAGQVAYRLYQREAQGESDADGS
;
_entity_poly.pdbx_strand_id   A,B,C,D,E,F
#
loop_
_chem_comp.id
_chem_comp.type
_chem_comp.name
_chem_comp.formula
CL non-polymer 'CHLORIDE ION' 'Cl -1'
EDO non-polymer 1,2-ETHANEDIOL 'C2 H6 O2'
#
# COMPACT_ATOMS: atom_id res chain seq x y z
N GLY A 12 -21.11 27.09 56.29
CA GLY A 12 -20.34 25.91 56.84
C GLY A 12 -19.52 26.28 58.06
N GLN A 13 -19.62 25.46 59.10
CA GLN A 13 -18.81 25.59 60.32
C GLN A 13 -18.08 24.29 60.60
N ILE A 14 -16.82 24.42 61.05
CA ILE A 14 -16.00 23.32 61.55
C ILE A 14 -15.74 23.59 63.01
N ARG A 15 -15.95 22.61 63.87
CA ARG A 15 -15.57 22.79 65.27
C ARG A 15 -14.33 21.95 65.58
N ILE A 16 -13.32 22.60 66.16
CA ILE A 16 -12.13 21.92 66.66
C ILE A 16 -12.45 21.34 68.05
N ILE A 17 -12.41 20.03 68.16
CA ILE A 17 -12.92 19.39 69.36
C ILE A 17 -11.87 19.15 70.45
N GLY A 18 -10.59 19.34 70.11
CA GLY A 18 -9.51 19.11 71.07
C GLY A 18 -8.32 20.06 70.95
N GLY A 19 -7.44 19.98 71.94
CA GLY A 19 -6.18 20.72 71.99
C GLY A 19 -6.27 22.22 72.29
N GLN A 20 -5.30 22.97 71.79
CA GLN A 20 -5.22 24.38 72.13
C GLN A 20 -6.37 25.23 71.61
N TRP A 21 -7.01 24.82 70.50
CA TRP A 21 -8.16 25.55 69.97
C TRP A 21 -9.47 24.83 70.19
N ARG A 22 -9.49 24.00 71.23
CA ARG A 22 -10.64 23.18 71.53
C ARG A 22 -11.82 24.11 71.70
N GLY A 23 -12.91 23.81 71.00
CA GLY A 23 -14.10 24.64 71.07
C GLY A 23 -14.10 25.83 70.12
N ARG A 24 -12.98 26.08 69.42
CA ARG A 24 -12.94 27.19 68.46
C ARG A 24 -13.70 26.78 67.21
N LYS A 25 -14.52 27.70 66.69
CA LYS A 25 -15.38 27.47 65.52
CA LYS A 25 -15.29 27.40 65.49
C LYS A 25 -14.84 28.23 64.29
N LEU A 26 -14.81 27.59 63.12
CA LEU A 26 -14.24 28.15 61.87
C LEU A 26 -15.14 27.95 60.64
N PRO A 27 -15.21 28.97 59.75
CA PRO A 27 -16.08 28.90 58.55
C PRO A 27 -15.48 28.03 57.44
N VAL A 28 -16.28 27.13 56.87
CA VAL A 28 -15.84 26.32 55.72
C VAL A 28 -16.87 26.42 54.63
N PRO A 29 -16.50 27.06 53.51
CA PRO A 29 -17.43 27.72 52.60
C PRO A 29 -18.45 26.80 51.95
N ASP A 30 -19.33 27.40 51.15
CA ASP A 30 -20.42 26.74 50.42
C ASP A 30 -19.97 25.78 49.30
N SER A 31 -19.59 24.56 49.69
CA SER A 31 -19.25 23.50 48.72
C SER A 31 -19.22 22.14 49.40
N THR A 38 -17.10 14.48 60.88
CA THR A 38 -17.91 14.49 62.10
C THR A 38 -17.02 14.47 63.35
N ASP A 39 -17.65 14.72 64.48
CA ASP A 39 -16.98 14.78 65.75
C ASP A 39 -16.53 13.39 66.19
N ARG A 40 -17.41 12.40 66.06
CA ARG A 40 -17.12 11.06 66.56
C ARG A 40 -15.98 10.38 65.83
N VAL A 41 -15.93 10.58 64.51
CA VAL A 41 -14.79 10.18 63.68
C VAL A 41 -13.50 10.79 64.20
N ARG A 42 -13.45 12.11 64.28
CA ARG A 42 -12.24 12.81 64.71
C ARG A 42 -11.85 12.40 66.12
N GLU A 43 -12.87 12.26 66.98
CA GLU A 43 -12.66 11.82 68.34
C GLU A 43 -11.96 10.47 68.39
N THR A 44 -12.47 9.50 67.65
CA THR A 44 -11.88 8.17 67.57
C THR A 44 -10.43 8.22 67.04
N LEU A 45 -10.21 8.93 65.92
CA LEU A 45 -8.90 8.99 65.29
C LEU A 45 -7.84 9.62 66.21
N PHE A 46 -8.21 10.73 66.83
CA PHE A 46 -7.28 11.47 67.64
C PHE A 46 -7.07 10.84 69.00
N ASN A 47 -8.02 10.03 69.45
CA ASN A 47 -7.75 9.15 70.57
CA ASN A 47 -7.76 9.11 70.58
C ASN A 47 -6.71 8.10 70.19
N TRP A 48 -6.82 7.50 68.99
CA TRP A 48 -5.78 6.55 68.51
C TRP A 48 -4.39 7.19 68.39
N LEU A 49 -4.37 8.47 68.00
CA LEU A 49 -3.15 9.23 67.72
C LEU A 49 -2.57 9.97 68.93
N ALA A 50 -3.29 9.94 70.05
CA ALA A 50 -2.97 10.78 71.21
C ALA A 50 -1.50 10.66 71.67
N PRO A 51 -0.96 9.43 71.76
CA PRO A 51 0.43 9.33 72.22
C PRO A 51 1.53 9.63 71.18
N VAL A 52 1.17 10.01 69.95
CA VAL A 52 2.17 10.30 68.91
C VAL A 52 1.97 11.68 68.24
N ILE A 53 0.86 12.34 68.56
CA ILE A 53 0.44 13.56 67.87
C ILE A 53 1.34 14.77 68.25
N VAL A 54 1.80 14.84 69.51
CA VAL A 54 2.65 15.97 69.94
C VAL A 54 3.97 15.89 69.18
N ASP A 55 4.27 16.99 68.50
CA ASP A 55 5.47 17.17 67.69
C ASP A 55 5.53 16.30 66.46
N ALA A 56 4.41 15.71 66.04
CA ALA A 56 4.34 14.95 64.79
C ALA A 56 4.38 15.86 63.56
N GLN A 57 5.00 15.39 62.48
CA GLN A 57 4.87 16.00 61.17
C GLN A 57 3.74 15.27 60.43
N CYS A 58 2.73 16.05 60.02
CA CYS A 58 1.49 15.53 59.43
C CYS A 58 1.30 15.97 58.00
N LEU A 59 0.81 15.06 57.18
CA LEU A 59 0.47 15.40 55.82
C LEU A 59 -1.00 15.01 55.59
N ASP A 60 -1.81 15.96 55.12
CA ASP A 60 -3.21 15.67 54.79
C ASP A 60 -3.34 15.72 53.25
N CYS A 61 -3.55 14.55 52.64
CA CYS A 61 -3.56 14.42 51.17
C CYS A 61 -4.76 15.04 50.46
N PHE A 62 -5.88 15.17 51.15
CA PHE A 62 -7.14 15.72 50.59
C PHE A 62 -7.73 16.47 51.77
N ALA A 63 -7.17 17.64 52.03
CA ALA A 63 -7.45 18.33 53.30
C ALA A 63 -8.87 18.88 53.42
N GLY A 64 -9.49 19.23 52.29
CA GLY A 64 -10.89 19.70 52.26
C GLY A 64 -11.15 20.85 53.23
N SER A 65 -12.03 20.60 54.19
CA SER A 65 -12.35 21.57 55.25
C SER A 65 -11.17 21.85 56.22
N GLY A 66 -10.17 20.98 56.20
CA GLY A 66 -9.06 21.04 57.11
C GLY A 66 -9.40 20.43 58.47
N ALA A 67 -10.58 19.84 58.62
CA ALA A 67 -10.95 19.21 59.90
C ALA A 67 -9.79 18.39 60.49
N LEU A 68 -9.18 17.52 59.68
CA LEU A 68 -8.12 16.65 60.18
C LEU A 68 -6.82 17.39 60.47
N GLY A 69 -6.32 18.14 59.50
CA GLY A 69 -5.08 18.92 59.69
C GLY A 69 -5.16 19.92 60.83
N LEU A 70 -6.29 20.61 60.94
CA LEU A 70 -6.52 21.61 61.98
C LEU A 70 -6.62 21.04 63.40
N GLU A 71 -7.32 19.94 63.52
CA GLU A 71 -7.35 19.19 64.77
C GLU A 71 -5.93 18.71 65.14
N ALA A 72 -5.14 18.26 64.13
CA ALA A 72 -3.74 17.86 64.37
C ALA A 72 -2.91 19.01 64.91
N LEU A 73 -2.99 20.19 64.29
CA LEU A 73 -2.27 21.36 64.78
C LEU A 73 -2.70 21.79 66.18
N SER A 74 -3.99 21.68 66.45
CA SER A 74 -4.51 22.06 67.74
C SER A 74 -3.84 21.22 68.85
N ARG A 75 -3.66 19.94 68.57
CA ARG A 75 -3.17 18.96 69.51
C ARG A 75 -1.63 18.88 69.47
N TYR A 76 -1.03 19.98 69.00
CA TYR A 76 0.39 20.25 69.09
C TYR A 76 1.25 19.39 68.16
N ALA A 77 0.70 18.98 67.01
CA ALA A 77 1.53 18.58 65.88
C ALA A 77 2.60 19.65 65.71
N ALA A 78 3.82 19.23 65.39
CA ALA A 78 4.93 20.13 65.07
C ALA A 78 4.65 20.88 63.76
N GLY A 79 4.09 20.17 62.78
CA GLY A 79 3.77 20.80 61.50
C GLY A 79 2.79 19.97 60.67
N ALA A 80 2.14 20.65 59.72
CA ALA A 80 1.17 20.00 58.82
C ALA A 80 1.23 20.62 57.43
N THR A 81 1.43 19.76 56.45
CA THR A 81 1.30 20.15 55.06
C THR A 81 -0.06 19.64 54.59
N LEU A 82 -0.86 20.57 54.08
CA LEU A 82 -2.26 20.29 53.77
C LEU A 82 -2.48 20.45 52.26
N ILE A 83 -2.85 19.35 51.60
CA ILE A 83 -2.94 19.32 50.15
C ILE A 83 -4.42 19.34 49.72
N GLU A 84 -4.78 20.26 48.83
CA GLU A 84 -6.19 20.42 48.49
C GLU A 84 -6.34 20.88 47.06
N MSE A 85 -7.07 20.10 46.27
CA MSE A 85 -7.28 20.35 44.83
CA MSE A 85 -7.23 20.39 44.85
C MSE A 85 -8.16 21.57 44.54
O MSE A 85 -7.93 22.29 43.57
CB MSE A 85 -7.87 19.09 44.16
CB MSE A 85 -7.69 19.16 44.10
CG MSE A 85 -7.82 19.07 42.61
CG MSE A 85 -7.63 19.33 42.59
SE MSE A 85 -9.52 19.61 41.75
SE MSE A 85 -8.59 17.93 41.73
CE MSE A 85 -10.14 17.93 41.17
CE MSE A 85 -7.33 16.69 41.88
N ASP A 86 -9.18 21.79 45.38
CA ASP A 86 -10.13 22.88 45.15
C ASP A 86 -9.54 24.26 45.55
N ARG A 87 -9.42 25.16 44.57
CA ARG A 87 -8.80 26.46 44.80
C ARG A 87 -9.56 27.28 45.88
N ALA A 88 -10.89 27.33 45.77
CA ALA A 88 -11.71 28.04 46.75
C ALA A 88 -11.54 27.48 48.19
N VAL A 89 -11.51 26.15 48.29
CA VAL A 89 -11.37 25.46 49.56
C VAL A 89 -9.95 25.66 50.13
N SER A 90 -8.91 25.54 49.28
CA SER A 90 -7.51 25.80 49.68
CA SER A 90 -7.53 25.78 49.70
C SER A 90 -7.36 27.22 50.24
N GLN A 91 -7.99 28.18 49.58
CA GLN A 91 -7.98 29.60 50.02
C GLN A 91 -8.60 29.83 51.42
N GLN A 92 -9.73 29.16 51.71
CA GLN A 92 -10.41 29.31 52.99
C GLN A 92 -9.60 28.65 54.10
N LEU A 93 -9.01 27.52 53.77
CA LEU A 93 -8.09 26.87 54.66
C LEU A 93 -6.97 27.82 55.12
N ILE A 94 -6.34 28.50 54.16
CA ILE A 94 -5.28 29.47 54.43
C ILE A 94 -5.78 30.59 55.37
N LYS A 95 -6.97 31.10 55.10
CA LYS A 95 -7.61 32.09 55.96
C LYS A 95 -7.82 31.56 57.37
N ASN A 96 -8.30 30.30 57.51
CA ASN A 96 -8.53 29.74 58.83
C ASN A 96 -7.25 29.55 59.59
N LEU A 97 -6.17 29.16 58.90
CA LEU A 97 -4.87 29.10 59.55
C LEU A 97 -4.38 30.47 60.06
N ALA A 98 -4.69 31.53 59.31
CA ALA A 98 -4.31 32.88 59.69
C ALA A 98 -5.07 33.34 60.95
N THR A 99 -6.37 33.05 61.00
CA THR A 99 -7.20 33.27 62.21
C THR A 99 -6.63 32.62 63.49
N LEU A 100 -6.21 31.37 63.36
CA LEU A 100 -5.66 30.59 64.45
C LEU A 100 -4.21 30.94 64.75
N LYS A 101 -3.60 31.76 63.89
CA LYS A 101 -2.20 32.17 64.01
C LYS A 101 -1.31 30.95 63.92
N ALA A 102 -1.68 29.99 63.06
CA ALA A 102 -0.94 28.76 62.94
C ALA A 102 0.06 28.91 61.80
N GLY A 103 1.29 29.23 62.18
CA GLY A 103 2.40 29.40 61.23
C GLY A 103 3.08 28.11 60.82
N ASN A 104 2.90 27.07 61.64
CA ASN A 104 3.52 25.76 61.48
C ASN A 104 2.69 24.84 60.55
N ALA A 105 2.23 25.40 59.43
CA ALA A 105 1.44 24.73 58.42
C ALA A 105 1.52 25.43 57.08
N ARG A 106 1.25 24.69 56.02
CA ARG A 106 1.21 25.27 54.68
C ARG A 106 0.09 24.57 53.92
N VAL A 107 -0.41 25.24 52.90
CA VAL A 107 -1.48 24.69 52.11
C VAL A 107 -0.95 24.70 50.72
N VAL A 108 -1.07 23.56 50.07
CA VAL A 108 -0.68 23.45 48.68
C VAL A 108 -1.94 23.14 47.85
N ASN A 109 -2.19 23.98 46.84
CA ASN A 109 -3.39 23.84 46.00
C ASN A 109 -3.01 22.88 44.89
N SER A 110 -3.22 21.59 45.10
CA SER A 110 -2.80 20.60 44.10
C SER A 110 -3.68 19.38 44.27
N ASN A 111 -3.89 18.65 43.20
CA ASN A 111 -4.39 17.29 43.37
C ASN A 111 -3.28 16.40 43.96
N ALA A 112 -3.67 15.33 44.66
CA ALA A 112 -2.72 14.47 45.35
C ALA A 112 -1.80 13.66 44.45
N MSE A 113 -2.31 13.24 43.29
CA MSE A 113 -1.54 12.41 42.36
C MSE A 113 -0.33 13.13 41.78
O MSE A 113 0.77 12.54 41.75
CB MSE A 113 -2.42 11.92 41.21
CG MSE A 113 -3.69 11.29 41.72
SE MSE A 113 -3.37 9.48 42.28
CE MSE A 113 -3.77 8.72 40.62
N SER A 114 -0.51 14.38 41.35
CA SER A 114 0.59 15.23 40.91
C SER A 114 1.52 15.59 42.05
N PHE A 115 0.92 15.94 43.18
CA PHE A 115 1.71 16.35 44.34
C PHE A 115 2.66 15.27 44.88
N LEU A 116 2.16 14.05 45.03
CA LEU A 116 2.92 12.95 45.64
C LEU A 116 3.88 12.28 44.67
N ALA A 117 3.73 12.55 43.38
CA ALA A 117 4.62 12.01 42.33
C ALA A 117 5.85 12.89 42.17
N GLN A 118 6.62 12.96 43.26
CA GLN A 118 7.91 13.64 43.29
C GLN A 118 8.67 13.10 44.54
N LYS A 119 9.96 13.40 44.66
CA LYS A 119 10.70 13.07 45.87
CA LYS A 119 10.73 13.08 45.86
C LYS A 119 10.08 13.78 47.07
N GLY A 120 9.58 12.97 48.00
CA GLY A 120 8.88 13.51 49.16
C GLY A 120 9.73 13.74 50.38
N THR A 121 9.07 14.10 51.46
CA THR A 121 9.71 14.31 52.73
C THR A 121 8.95 13.48 53.79
N PRO A 122 9.68 12.81 54.71
CA PRO A 122 8.98 11.88 55.60
C PRO A 122 8.05 12.52 56.66
N HIS A 123 6.87 11.91 56.80
CA HIS A 123 5.89 12.33 57.82
C HIS A 123 5.56 11.19 58.76
N ASN A 124 5.33 11.55 60.02
CA ASN A 124 4.91 10.64 61.07
C ASN A 124 3.44 10.21 60.96
N ILE A 125 2.59 11.12 60.47
CA ILE A 125 1.14 10.89 60.36
C ILE A 125 0.60 11.38 59.04
N VAL A 126 -0.08 10.52 58.31
CA VAL A 126 -0.69 10.90 57.02
C VAL A 126 -2.17 10.56 57.01
N PHE A 127 -2.97 11.51 56.51
CA PHE A 127 -4.41 11.36 56.38
C PHE A 127 -4.77 11.14 54.91
N VAL A 128 -5.48 10.04 54.66
CA VAL A 128 -5.93 9.63 53.32
C VAL A 128 -7.44 9.38 53.33
N ASP A 129 -8.18 10.47 53.11
CA ASP A 129 -9.62 10.40 53.04
C ASP A 129 -10.01 11.03 51.71
N PRO A 130 -9.87 10.29 50.61
CA PRO A 130 -10.20 10.93 49.32
C PRO A 130 -11.70 11.19 49.08
N PRO A 131 -12.03 12.19 48.23
CA PRO A 131 -13.42 12.54 47.95
C PRO A 131 -14.15 11.37 47.29
N PHE A 132 -13.41 10.55 46.55
CA PHE A 132 -13.95 9.27 46.07
C PHE A 132 -12.79 8.25 46.12
N ARG A 133 -13.12 6.97 46.15
CA ARG A 133 -12.16 5.89 46.45
CA ARG A 133 -12.11 5.96 46.44
C ARG A 133 -11.41 5.41 45.20
N ARG A 134 -12.18 4.90 44.24
CA ARG A 134 -11.63 4.23 43.09
C ARG A 134 -11.01 5.19 42.11
N GLY A 135 -9.70 5.01 41.90
CA GLY A 135 -8.89 5.96 41.13
C GLY A 135 -7.94 6.79 41.97
N LEU A 136 -8.19 6.89 43.28
CA LEU A 136 -7.38 7.69 44.19
C LEU A 136 -6.79 6.88 45.35
N LEU A 137 -7.59 6.03 45.99
CA LEU A 137 -7.15 5.49 47.28
C LEU A 137 -5.86 4.66 47.20
N GLU A 138 -5.88 3.59 46.41
CA GLU A 138 -4.70 2.74 46.29
C GLU A 138 -3.51 3.43 45.66
N GLU A 139 -3.79 4.33 44.70
CA GLU A 139 -2.78 5.12 44.00
C GLU A 139 -2.02 6.02 44.96
N THR A 140 -2.76 6.64 45.87
CA THR A 140 -2.20 7.56 46.87
C THR A 140 -1.32 6.78 47.82
N ILE A 141 -1.85 5.66 48.32
CA ILE A 141 -1.12 4.73 49.17
C ILE A 141 0.23 4.29 48.56
N ASN A 142 0.24 3.98 47.27
CA ASN A 142 1.51 3.55 46.63
C ASN A 142 2.49 4.67 46.44
N LEU A 143 1.98 5.86 46.10
CA LEU A 143 2.84 7.04 45.96
C LEU A 143 3.47 7.42 47.29
N LEU A 144 2.67 7.39 48.38
CA LEU A 144 3.18 7.67 49.73
C LEU A 144 4.36 6.76 50.07
N GLU A 145 4.16 5.47 49.87
CA GLU A 145 5.21 4.48 50.11
C GLU A 145 6.43 4.59 49.17
N ASP A 146 6.21 4.92 47.89
CA ASP A 146 7.29 4.83 46.90
C ASP A 146 8.13 6.09 46.81
N ASN A 147 7.59 7.22 47.23
CA ASN A 147 8.26 8.49 47.04
C ASN A 147 8.81 9.17 48.30
N GLY A 148 8.93 8.40 49.39
CA GLY A 148 9.60 8.88 50.58
C GLY A 148 8.76 9.79 51.46
N TRP A 149 7.44 9.70 51.35
CA TRP A 149 6.57 10.56 52.17
C TRP A 149 6.39 10.08 53.62
N LEU A 150 6.90 8.90 53.94
CA LEU A 150 6.58 8.26 55.23
C LEU A 150 7.86 8.16 56.04
N ALA A 151 7.79 8.53 57.31
CA ALA A 151 8.87 8.29 58.25
C ALA A 151 8.90 6.79 58.51
N ASP A 152 10.06 6.33 58.97
CA ASP A 152 10.30 4.94 59.32
C ASP A 152 9.11 4.17 59.91
N GLU A 153 8.43 4.73 60.92
CA GLU A 153 7.28 4.05 61.52
C GLU A 153 5.97 4.83 61.44
N ALA A 154 5.67 5.32 60.25
CA ALA A 154 4.53 6.22 60.06
C ALA A 154 3.14 5.55 60.30
N LEU A 155 2.17 6.38 60.65
CA LEU A 155 0.77 5.99 60.76
C LEU A 155 0.02 6.65 59.62
N ILE A 156 -0.75 5.86 58.88
CA ILE A 156 -1.52 6.37 57.75
C ILE A 156 -3.02 6.08 58.00
N TYR A 157 -3.81 7.13 58.08
CA TYR A 157 -5.24 6.99 58.32
C TYR A 157 -5.89 6.87 56.96
N VAL A 158 -6.75 5.85 56.82
CA VAL A 158 -7.42 5.56 55.57
C VAL A 158 -8.91 5.40 55.89
N GLU A 159 -9.72 6.17 55.19
CA GLU A 159 -11.16 6.09 55.29
C GLU A 159 -11.73 5.52 53.97
N SER A 160 -12.64 4.55 54.11
CA SER A 160 -13.18 3.85 52.95
C SER A 160 -14.51 3.15 53.25
N GLU A 161 -15.40 3.13 52.26
CA GLU A 161 -16.68 2.42 52.39
CA GLU A 161 -16.68 2.42 52.38
C GLU A 161 -16.42 0.93 52.57
N VAL A 162 -17.10 0.34 53.56
CA VAL A 162 -17.01 -1.11 53.85
C VAL A 162 -17.10 -1.96 52.59
N GLU A 163 -18.10 -1.65 51.77
CA GLU A 163 -18.40 -2.33 50.50
C GLU A 163 -17.17 -2.53 49.61
N ASN A 164 -16.15 -1.69 49.82
CA ASN A 164 -14.93 -1.71 49.02
C ASN A 164 -13.98 -2.83 49.41
N GLY A 165 -14.15 -3.37 50.62
CA GLY A 165 -13.18 -4.30 51.20
C GLY A 165 -11.94 -3.62 51.75
N LEU A 166 -10.94 -4.42 52.14
CA LEU A 166 -9.67 -3.89 52.60
C LEU A 166 -8.88 -3.36 51.40
N PRO A 167 -8.32 -2.15 51.51
CA PRO A 167 -7.48 -1.70 50.38
C PRO A 167 -6.17 -2.48 50.29
N THR A 168 -5.67 -2.64 49.07
CA THR A 168 -4.34 -3.15 48.82
C THR A 168 -3.34 -2.16 49.42
N VAL A 169 -2.51 -2.68 50.33
CA VAL A 169 -1.46 -1.88 50.96
C VAL A 169 -0.13 -2.59 50.71
N PRO A 170 0.98 -1.84 50.72
CA PRO A 170 2.29 -2.53 50.57
C PRO A 170 2.51 -3.52 51.71
N ALA A 171 3.42 -4.46 51.47
CA ALA A 171 3.67 -5.55 52.40
C ALA A 171 4.19 -5.09 53.77
N ASN A 172 4.91 -3.97 53.79
CA ASN A 172 5.41 -3.40 55.05
C ASN A 172 4.40 -2.52 55.80
N TRP A 173 3.16 -2.47 55.33
CA TRP A 173 2.07 -1.81 56.07
C TRP A 173 1.21 -2.85 56.77
N SER A 174 0.95 -2.63 58.05
CA SER A 174 0.03 -3.51 58.76
C SER A 174 -1.14 -2.71 59.32
N LEU A 175 -2.32 -3.32 59.29
CA LEU A 175 -3.51 -2.74 59.92
C LEU A 175 -3.28 -2.57 61.42
N HIS A 176 -3.37 -1.32 61.88
CA HIS A 176 -3.02 -0.97 63.27
C HIS A 176 -4.23 -0.72 64.16
N ARG A 177 -5.19 0.06 63.66
CA ARG A 177 -6.51 0.28 64.30
C ARG A 177 -7.60 0.20 63.24
N GLU A 178 -8.80 -0.18 63.65
CA GLU A 178 -9.96 -0.19 62.75
C GLU A 178 -11.29 0.04 63.49
N LYS A 179 -12.14 0.87 62.92
CA LYS A 179 -13.50 1.04 63.43
C LYS A 179 -14.44 1.05 62.24
N VAL A 180 -15.50 0.25 62.34
CA VAL A 180 -16.56 0.30 61.35
C VAL A 180 -17.79 0.94 61.96
N ALA A 181 -18.27 2.00 61.32
CA ALA A 181 -19.49 2.68 61.74
C ALA A 181 -20.29 3.08 60.51
N GLY A 182 -21.51 2.56 60.44
CA GLY A 182 -22.37 2.76 59.29
C GLY A 182 -21.85 1.99 58.08
N GLN A 183 -21.76 2.71 56.98
CA GLN A 183 -21.29 2.16 55.73
C GLN A 183 -19.77 2.30 55.60
N VAL A 184 -19.08 2.78 56.65
CA VAL A 184 -17.67 3.26 56.51
C VAL A 184 -16.66 2.55 57.43
N ALA A 185 -15.52 2.20 56.85
CA ALA A 185 -14.42 1.62 57.62
C ALA A 185 -13.34 2.67 57.82
N TYR A 186 -13.02 2.93 59.08
CA TYR A 186 -12.00 3.91 59.46
C TYR A 186 -10.80 3.12 59.94
N ARG A 187 -9.66 3.28 59.27
CA ARG A 187 -8.50 2.43 59.55
C ARG A 187 -7.22 3.25 59.77
N LEU A 188 -6.31 2.70 60.55
CA LEU A 188 -4.99 3.26 60.76
C LEU A 188 -3.97 2.17 60.51
N TYR A 189 -3.07 2.41 59.55
CA TYR A 189 -2.02 1.48 59.20
C TYR A 189 -0.73 1.97 59.81
N GLN A 190 0.10 1.02 60.23
CA GLN A 190 1.45 1.33 60.65
C GLN A 190 2.46 0.76 59.65
N ARG A 191 3.40 1.62 59.27
CA ARG A 191 4.35 1.31 58.24
C ARG A 191 5.72 1.04 58.85
N GLU A 192 6.34 -0.07 58.44
CA GLU A 192 7.74 -0.34 58.80
C GLU A 192 8.67 0.01 57.65
N ALA A 193 9.65 0.86 57.92
CA ALA A 193 10.66 1.21 56.90
C ALA A 193 11.32 -0.05 56.36
N GLN A 194 10.84 -0.51 55.20
CA GLN A 194 11.41 -1.66 54.48
C GLN A 194 10.82 -1.75 53.06
N GLY B 12 -2.78 18.74 15.53
CA GLY B 12 -3.79 18.85 16.63
C GLY B 12 -3.50 19.96 17.63
N GLN B 13 -4.50 20.81 17.84
CA GLN B 13 -4.37 21.98 18.70
C GLN B 13 -5.72 22.38 19.31
N ILE B 14 -5.73 22.72 20.59
CA ILE B 14 -6.90 23.32 21.23
C ILE B 14 -6.57 24.76 21.61
N ARG B 15 -7.51 25.68 21.42
CA ARG B 15 -7.33 27.06 21.88
C ARG B 15 -8.35 27.52 22.94
N ILE B 16 -7.85 28.01 24.07
CA ILE B 16 -8.74 28.56 25.11
C ILE B 16 -9.32 29.91 24.66
N ILE B 17 -10.64 30.06 24.81
CA ILE B 17 -11.40 31.23 24.32
C ILE B 17 -11.44 32.36 25.33
N GLY B 18 -11.73 32.05 26.58
CA GLY B 18 -11.85 33.09 27.60
C GLY B 18 -11.06 32.81 28.85
N GLY B 19 -11.16 33.75 29.78
CA GLY B 19 -10.56 33.63 31.10
C GLY B 19 -9.09 33.96 31.17
N GLN B 20 -8.45 33.43 32.21
CA GLN B 20 -7.06 33.73 32.54
C GLN B 20 -6.09 33.22 31.48
N TRP B 21 -6.47 32.18 30.74
CA TRP B 21 -5.64 31.61 29.67
C TRP B 21 -6.18 31.92 28.28
N ARG B 22 -7.02 32.93 28.17
CA ARG B 22 -7.55 33.35 26.87
C ARG B 22 -6.48 33.40 25.78
N GLY B 23 -6.79 32.81 24.64
CA GLY B 23 -5.89 32.80 23.49
C GLY B 23 -4.79 31.74 23.44
N ARG B 24 -4.57 31.03 24.55
CA ARG B 24 -3.48 30.04 24.62
C ARG B 24 -3.82 28.77 23.83
N LYS B 25 -2.81 28.23 23.16
CA LYS B 25 -2.99 27.08 22.28
C LYS B 25 -2.18 25.91 22.81
N LEU B 26 -2.85 24.77 22.94
CA LEU B 26 -2.25 23.59 23.54
C LEU B 26 -2.25 22.43 22.55
N PRO B 27 -1.16 21.67 22.52
CA PRO B 27 -1.11 20.55 21.58
C PRO B 27 -2.02 19.38 22.03
N VAL B 28 -2.59 18.67 21.07
CA VAL B 28 -3.38 17.45 21.33
C VAL B 28 -2.97 16.28 20.42
N PRO B 29 -3.33 15.03 20.79
CA PRO B 29 -2.99 13.94 19.86
C PRO B 29 -3.88 13.97 18.61
N ASP B 30 -3.44 13.30 17.53
CA ASP B 30 -4.27 13.12 16.34
C ASP B 30 -5.24 11.95 16.54
N SER B 31 -6.25 12.17 17.39
CA SER B 31 -7.25 11.17 17.74
C SER B 31 -8.58 11.54 17.09
N PRO B 32 -9.27 10.55 16.49
CA PRO B 32 -10.55 10.84 15.85
C PRO B 32 -11.74 10.50 16.76
N THR B 38 -16.50 22.25 19.13
CA THR B 38 -16.07 23.45 18.41
C THR B 38 -15.90 24.64 19.36
N ASP B 39 -15.23 25.69 18.88
CA ASP B 39 -15.18 26.97 19.58
C ASP B 39 -16.61 27.49 19.85
N ARG B 40 -17.50 27.35 18.87
CA ARG B 40 -18.86 27.92 19.00
C ARG B 40 -19.71 27.23 20.03
N VAL B 41 -19.63 25.90 20.08
CA VAL B 41 -20.25 25.10 21.13
C VAL B 41 -19.77 25.60 22.50
N ARG B 42 -18.46 25.60 22.69
CA ARG B 42 -17.83 26.16 23.88
C ARG B 42 -18.21 27.60 24.23
N GLU B 43 -18.17 28.53 23.26
CA GLU B 43 -18.53 29.95 23.51
C GLU B 43 -19.97 29.99 24.01
N THR B 44 -20.90 29.29 23.33
CA THR B 44 -22.30 29.22 23.79
C THR B 44 -22.44 28.70 25.21
N LEU B 45 -21.89 27.52 25.49
CA LEU B 45 -21.99 26.95 26.82
C LEU B 45 -21.47 27.91 27.87
N PHE B 46 -20.28 28.45 27.67
CA PHE B 46 -19.67 29.31 28.68
C PHE B 46 -20.31 30.68 28.80
N ASN B 47 -21.01 31.10 27.76
CA ASN B 47 -21.96 32.22 27.88
C ASN B 47 -23.06 31.87 28.84
N TRP B 48 -23.67 30.68 28.66
CA TRP B 48 -24.73 30.20 29.56
C TRP B 48 -24.28 30.08 31.02
N LEU B 49 -23.02 29.65 31.20
CA LEU B 49 -22.46 29.41 32.56
C LEU B 49 -21.81 30.63 33.19
N ALA B 50 -21.63 31.70 32.43
CA ALA B 50 -20.85 32.85 32.94
C ALA B 50 -21.23 33.28 34.40
N PRO B 51 -22.53 33.38 34.72
CA PRO B 51 -22.78 33.80 36.11
C PRO B 51 -22.56 32.76 37.22
N VAL B 52 -22.27 31.50 36.88
CA VAL B 52 -22.04 30.47 37.88
C VAL B 52 -20.67 29.75 37.82
N ILE B 53 -19.87 30.06 36.78
CA ILE B 53 -18.61 29.32 36.54
C ILE B 53 -17.53 29.60 37.61
N VAL B 54 -17.47 30.84 38.11
CA VAL B 54 -16.42 31.20 39.09
C VAL B 54 -16.63 30.41 40.38
N ASP B 55 -15.56 29.75 40.83
CA ASP B 55 -15.51 28.93 42.04
C ASP B 55 -16.36 27.70 41.94
N ALA B 56 -16.76 27.31 40.74
CA ALA B 56 -17.57 26.07 40.60
C ALA B 56 -16.70 24.82 40.65
N GLN B 57 -17.27 23.73 41.19
CA GLN B 57 -16.62 22.42 41.17
C GLN B 57 -17.19 21.64 40.00
N CYS B 58 -16.31 21.33 39.04
CA CYS B 58 -16.69 20.80 37.76
C CYS B 58 -16.27 19.35 37.56
N LEU B 59 -17.16 18.59 36.95
CA LEU B 59 -16.87 17.21 36.55
C LEU B 59 -17.12 17.06 35.10
N ASP B 60 -16.09 16.67 34.34
CA ASP B 60 -16.26 16.37 32.93
C ASP B 60 -16.18 14.82 32.71
N CYS B 61 -17.30 14.20 32.32
CA CYS B 61 -17.40 12.74 32.27
C CYS B 61 -16.69 12.08 31.09
N PHE B 62 -16.53 12.86 30.01
CA PHE B 62 -15.93 12.39 28.73
C PHE B 62 -15.11 13.59 28.29
N ALA B 63 -13.99 13.84 28.97
CA ALA B 63 -13.24 15.12 28.90
C ALA B 63 -12.48 15.34 27.57
N GLY B 64 -12.14 14.24 26.89
CA GLY B 64 -11.39 14.28 25.65
C GLY B 64 -10.14 15.11 25.86
N SER B 65 -9.90 16.04 24.96
CA SER B 65 -8.70 16.86 25.15
C SER B 65 -8.85 18.00 26.15
N GLY B 66 -10.02 18.07 26.78
CA GLY B 66 -10.23 19.02 27.85
C GLY B 66 -10.73 20.38 27.41
N ALA B 67 -11.26 20.47 26.19
CA ALA B 67 -11.85 21.74 25.72
C ALA B 67 -12.79 22.37 26.80
N LEU B 68 -13.72 21.59 27.34
CA LEU B 68 -14.66 22.11 28.32
C LEU B 68 -14.01 22.30 29.70
N GLY B 69 -13.29 21.27 30.18
CA GLY B 69 -12.64 21.33 31.49
C GLY B 69 -11.60 22.44 31.55
N LEU B 70 -10.74 22.49 30.52
CA LEU B 70 -9.74 23.55 30.43
C LEU B 70 -10.34 24.95 30.32
N GLU B 71 -11.42 25.09 29.56
CA GLU B 71 -12.13 26.37 29.48
C GLU B 71 -12.74 26.77 30.85
N ALA B 72 -13.41 25.83 31.52
CA ALA B 72 -13.92 26.05 32.90
C ALA B 72 -12.84 26.57 33.86
N LEU B 73 -11.67 25.93 33.85
CA LEU B 73 -10.55 26.30 34.73
C LEU B 73 -10.00 27.68 34.40
N SER B 74 -9.94 28.01 33.11
CA SER B 74 -9.52 29.35 32.66
C SER B 74 -10.41 30.46 33.23
N ARG B 75 -11.71 30.15 33.26
CA ARG B 75 -12.79 31.04 33.67
C ARG B 75 -13.02 30.93 35.18
N TYR B 76 -11.96 30.49 35.86
CA TYR B 76 -11.87 30.53 37.31
C TYR B 76 -12.78 29.55 38.05
N ALA B 77 -13.07 28.41 37.43
CA ALA B 77 -13.64 27.30 38.17
C ALA B 77 -12.67 26.99 39.33
N ALA B 78 -13.23 26.54 40.45
CA ALA B 78 -12.51 26.26 41.66
C ALA B 78 -11.67 25.02 41.46
N GLY B 79 -12.20 24.07 40.68
CA GLY B 79 -11.60 22.73 40.48
C GLY B 79 -12.34 21.95 39.42
N ALA B 80 -11.66 20.98 38.83
CA ALA B 80 -12.25 20.13 37.80
C ALA B 80 -11.66 18.73 37.86
N THR B 81 -12.55 17.74 37.95
CA THR B 81 -12.20 16.35 37.74
C THR B 81 -12.54 16.00 36.29
N LEU B 82 -11.54 15.50 35.57
CA LEU B 82 -11.67 15.20 34.13
C LEU B 82 -11.51 13.70 33.87
N ILE B 83 -12.50 13.10 33.24
CA ILE B 83 -12.54 11.64 33.09
C ILE B 83 -12.39 11.40 31.60
N GLU B 84 -11.40 10.61 31.19
CA GLU B 84 -11.20 10.36 29.75
C GLU B 84 -10.70 8.91 29.59
N MSE B 85 -11.33 8.16 28.68
CA MSE B 85 -10.99 6.76 28.51
CA MSE B 85 -11.03 6.72 28.43
C MSE B 85 -9.74 6.52 27.65
O MSE B 85 -9.02 5.57 27.88
CB MSE B 85 -12.19 5.98 27.99
CB MSE B 85 -12.16 5.98 27.67
CG MSE B 85 -12.00 4.46 27.98
CG MSE B 85 -11.78 4.48 27.27
SE MSE B 85 -13.38 3.65 26.94
SE MSE B 85 -12.31 3.67 25.48
CE MSE B 85 -14.62 3.62 28.18
CE MSE B 85 -13.79 2.86 26.01
N ASP B 86 -9.49 7.38 26.66
CA ASP B 86 -8.34 7.27 25.79
C ASP B 86 -7.04 7.62 26.56
N ARG B 87 -6.13 6.66 26.63
CA ARG B 87 -4.89 6.82 27.41
C ARG B 87 -3.98 7.91 26.80
N ALA B 88 -3.87 7.96 25.48
CA ALA B 88 -3.05 8.96 24.78
C ALA B 88 -3.60 10.39 24.97
N VAL B 89 -4.91 10.55 24.86
CA VAL B 89 -5.59 11.81 25.12
C VAL B 89 -5.44 12.21 26.63
N SER B 90 -5.66 11.30 27.57
CA SER B 90 -5.57 11.66 28.99
C SER B 90 -4.12 12.00 29.39
N GLN B 91 -3.14 11.31 28.81
CA GLN B 91 -1.74 11.68 29.06
C GLN B 91 -1.40 13.08 28.53
N GLN B 92 -1.90 13.42 27.34
CA GLN B 92 -1.64 14.78 26.83
C GLN B 92 -2.39 15.84 27.66
N LEU B 93 -3.55 15.47 28.18
CA LEU B 93 -4.32 16.39 29.02
C LEU B 93 -3.54 16.72 30.31
N ILE B 94 -2.99 15.69 30.94
CA ILE B 94 -2.09 15.85 32.10
C ILE B 94 -0.90 16.81 31.79
N LYS B 95 -0.28 16.63 30.61
CA LYS B 95 0.82 17.51 30.18
C LYS B 95 0.33 18.95 29.94
N ASN B 96 -0.81 19.09 29.28
CA ASN B 96 -1.38 20.42 29.06
C ASN B 96 -1.69 21.14 30.37
N LEU B 97 -2.23 20.42 31.35
CA LEU B 97 -2.42 20.94 32.70
C LEU B 97 -1.13 21.39 33.34
N ALA B 98 -0.06 20.59 33.22
CA ALA B 98 1.28 21.01 33.70
C ALA B 98 1.77 22.30 33.05
N THR B 99 1.61 22.39 31.73
CA THR B 99 2.02 23.54 30.94
C THR B 99 1.29 24.79 31.38
N LEU B 100 0.00 24.62 31.71
CA LEU B 100 -0.84 25.72 32.16
C LEU B 100 -0.60 26.05 33.62
N LYS B 101 0.13 25.18 34.31
CA LYS B 101 0.38 25.32 35.74
C LYS B 101 -0.92 25.21 36.57
N ALA B 102 -1.88 24.42 36.08
CA ALA B 102 -3.15 24.24 36.77
C ALA B 102 -3.08 23.09 37.79
N GLY B 103 -2.98 23.41 39.08
CA GLY B 103 -2.94 22.40 40.14
C GLY B 103 -4.34 21.91 40.56
N ASN B 104 -5.33 22.75 40.29
CA ASN B 104 -6.68 22.57 40.77
C ASN B 104 -7.52 21.65 39.83
N ALA B 105 -6.91 20.58 39.34
CA ALA B 105 -7.56 19.63 38.48
C ALA B 105 -6.95 18.25 38.65
N ARG B 106 -7.72 17.22 38.28
CA ARG B 106 -7.20 15.86 38.17
C ARG B 106 -7.73 15.23 36.90
N VAL B 107 -6.97 14.27 36.36
CA VAL B 107 -7.40 13.53 35.19
C VAL B 107 -7.45 12.07 35.61
N VAL B 108 -8.60 11.43 35.39
CA VAL B 108 -8.74 10.02 35.66
C VAL B 108 -8.87 9.29 34.32
N ASN B 109 -7.96 8.37 34.05
CA ASN B 109 -8.06 7.59 32.83
C ASN B 109 -9.00 6.40 33.07
N SER B 110 -10.30 6.64 32.81
CA SER B 110 -11.35 5.65 32.99
C SER B 110 -12.49 5.91 32.00
N ASN B 111 -13.24 4.87 31.64
CA ASN B 111 -14.59 5.10 31.08
C ASN B 111 -15.51 5.68 32.16
N ALA B 112 -16.55 6.43 31.77
CA ALA B 112 -17.41 7.12 32.76
C ALA B 112 -18.22 6.16 33.61
N MSE B 113 -18.69 5.07 33.02
CA MSE B 113 -19.57 4.14 33.73
C MSE B 113 -18.92 3.47 34.92
O MSE B 113 -19.53 3.33 35.99
CB MSE B 113 -20.05 3.08 32.77
CG MSE B 113 -20.61 3.72 31.57
SE MSE B 113 -22.51 3.67 31.64
CE MSE B 113 -22.56 2.55 30.30
N SER B 114 -17.69 2.99 34.71
CA SER B 114 -16.88 2.42 35.77
C SER B 114 -16.53 3.48 36.80
N PHE B 115 -16.18 4.70 36.34
CA PHE B 115 -15.76 5.74 37.28
C PHE B 115 -16.91 6.19 38.19
N LEU B 116 -18.08 6.39 37.57
CA LEU B 116 -19.25 6.93 38.27
C LEU B 116 -19.99 5.88 39.15
N ALA B 117 -19.70 4.59 38.96
CA ALA B 117 -20.37 3.52 39.77
C ALA B 117 -19.66 3.28 41.11
N GLN B 118 -19.67 4.31 41.94
CA GLN B 118 -19.09 4.29 43.29
C GLN B 118 -19.67 5.52 43.99
N LYS B 119 -19.53 5.57 45.31
CA LYS B 119 -19.88 6.76 46.07
C LYS B 119 -19.12 8.03 45.57
N GLY B 120 -19.89 9.02 45.13
CA GLY B 120 -19.28 10.20 44.49
C GLY B 120 -19.03 11.35 45.43
N THR B 121 -18.57 12.45 44.85
CA THR B 121 -18.42 13.69 45.55
C THR B 121 -19.21 14.74 44.73
N PRO B 122 -19.94 15.69 45.39
CA PRO B 122 -20.85 16.65 44.70
C PRO B 122 -20.13 17.71 43.85
N HIS B 123 -20.65 17.94 42.64
CA HIS B 123 -20.21 19.02 41.74
C HIS B 123 -21.40 19.87 41.40
N ASN B 124 -21.17 21.16 41.24
CA ASN B 124 -22.31 21.98 40.80
C ASN B 124 -22.37 22.24 39.29
N ILE B 125 -21.32 21.88 38.55
CA ILE B 125 -21.34 21.91 37.10
C ILE B 125 -20.79 20.57 36.56
N VAL B 126 -21.56 19.89 35.71
CA VAL B 126 -21.14 18.63 35.12
C VAL B 126 -21.32 18.66 33.62
N PHE B 127 -20.35 18.12 32.88
CA PHE B 127 -20.37 18.07 31.44
C PHE B 127 -20.53 16.61 30.97
N VAL B 128 -21.57 16.36 30.19
CA VAL B 128 -21.93 15.04 29.69
C VAL B 128 -22.11 15.11 28.16
N ASP B 129 -20.99 14.91 27.48
CA ASP B 129 -21.00 14.80 26.04
C ASP B 129 -20.34 13.45 25.66
N PRO B 130 -21.12 12.37 25.61
CA PRO B 130 -20.50 11.07 25.32
C PRO B 130 -20.15 10.92 23.83
N PRO B 131 -19.19 10.02 23.52
CA PRO B 131 -18.79 9.82 22.12
C PRO B 131 -19.95 9.29 21.26
N PHE B 132 -20.86 8.55 21.89
CA PHE B 132 -22.05 8.01 21.27
C PHE B 132 -23.03 7.88 22.43
N ARG B 133 -24.31 7.76 22.13
CA ARG B 133 -25.31 7.91 23.19
C ARG B 133 -25.91 6.59 23.65
N ARG B 134 -26.16 5.66 22.74
CA ARG B 134 -26.77 4.42 23.17
C ARG B 134 -25.75 3.59 23.95
N GLY B 135 -26.15 3.14 25.12
CA GLY B 135 -25.22 2.50 26.02
C GLY B 135 -24.66 3.43 27.07
N LEU B 136 -24.65 4.75 26.80
CA LEU B 136 -23.94 5.71 27.66
C LEU B 136 -24.75 6.83 28.27
N LEU B 137 -25.60 7.48 27.50
CA LEU B 137 -26.13 8.76 27.94
C LEU B 137 -27.06 8.63 29.18
N GLU B 138 -28.09 7.78 29.04
CA GLU B 138 -29.09 7.58 30.08
C GLU B 138 -28.46 7.02 31.36
N GLU B 139 -27.59 6.05 31.18
CA GLU B 139 -26.87 5.38 32.24
C GLU B 139 -25.97 6.36 33.04
N THR B 140 -25.22 7.21 32.32
CA THR B 140 -24.38 8.26 32.91
C THR B 140 -25.19 9.23 33.75
N ILE B 141 -26.30 9.72 33.19
CA ILE B 141 -27.25 10.57 33.87
C ILE B 141 -27.74 9.92 35.17
N ASN B 142 -28.13 8.65 35.09
CA ASN B 142 -28.60 7.94 36.27
C ASN B 142 -27.49 7.78 37.32
N LEU B 143 -26.29 7.45 36.89
CA LEU B 143 -25.17 7.30 37.84
C LEU B 143 -24.83 8.60 38.56
N LEU B 144 -24.81 9.70 37.81
CA LEU B 144 -24.60 11.02 38.40
C LEU B 144 -25.62 11.32 39.50
N GLU B 145 -26.90 11.13 39.18
CA GLU B 145 -27.99 11.32 40.15
C GLU B 145 -27.91 10.36 41.35
N ASP B 146 -27.72 9.07 41.10
CA ASP B 146 -27.86 8.09 42.18
C ASP B 146 -26.68 8.03 43.16
N ASN B 147 -25.49 8.44 42.71
CA ASN B 147 -24.26 8.17 43.44
C ASN B 147 -23.62 9.40 44.09
N GLY B 148 -24.39 10.48 44.15
CA GLY B 148 -23.92 11.70 44.86
C GLY B 148 -22.85 12.54 44.20
N TRP B 149 -22.79 12.50 42.88
CA TRP B 149 -21.87 13.32 42.09
C TRP B 149 -22.35 14.77 41.91
N LEU B 150 -23.58 15.05 42.34
CA LEU B 150 -24.23 16.33 42.09
C LEU B 150 -24.49 17.08 43.36
N ALA B 151 -24.10 18.36 43.41
CA ALA B 151 -24.48 19.24 44.52
C ALA B 151 -25.99 19.42 44.61
N ASP B 152 -26.44 19.92 45.77
CA ASP B 152 -27.84 20.17 46.07
C ASP B 152 -28.51 21.02 44.99
N GLU B 153 -27.75 21.98 44.46
CA GLU B 153 -28.08 22.80 43.29
C GLU B 153 -26.97 22.56 42.28
N ALA B 154 -27.32 22.04 41.10
CA ALA B 154 -26.34 21.68 40.10
C ALA B 154 -26.84 21.96 38.70
N LEU B 155 -25.90 22.17 37.79
CA LEU B 155 -26.23 22.33 36.38
C LEU B 155 -25.50 21.26 35.58
N ILE B 156 -26.25 20.59 34.70
CA ILE B 156 -25.65 19.53 33.91
C ILE B 156 -25.83 19.83 32.44
N TYR B 157 -24.70 19.97 31.76
CA TYR B 157 -24.67 20.07 30.30
C TYR B 157 -24.76 18.68 29.67
N VAL B 158 -25.69 18.53 28.72
CA VAL B 158 -25.88 17.30 28.01
C VAL B 158 -25.97 17.62 26.50
N GLU B 159 -25.14 16.96 25.71
CA GLU B 159 -25.16 17.13 24.28
C GLU B 159 -25.67 15.82 23.66
N SER B 160 -26.69 15.90 22.79
CA SER B 160 -27.26 14.70 22.14
C SER B 160 -27.88 14.95 20.77
N GLU B 161 -27.79 13.93 19.92
CA GLU B 161 -28.40 13.95 18.59
C GLU B 161 -29.92 14.14 18.64
N VAL B 162 -30.45 15.10 17.88
CA VAL B 162 -31.91 15.28 17.80
C VAL B 162 -32.55 14.06 17.10
N GLU B 163 -31.81 13.46 16.15
CA GLU B 163 -32.21 12.22 15.42
C GLU B 163 -32.66 11.11 16.40
N ASN B 164 -31.74 10.63 17.23
CA ASN B 164 -32.09 9.85 18.42
C ASN B 164 -32.86 10.76 19.37
N GLY B 165 -33.72 10.20 20.21
CA GLY B 165 -34.62 11.01 21.05
C GLY B 165 -33.89 11.89 22.04
N LEU B 166 -34.65 12.56 22.89
CA LEU B 166 -33.99 13.24 24.02
C LEU B 166 -33.80 12.24 25.18
N PRO B 167 -32.79 12.52 26.04
CA PRO B 167 -32.53 11.63 27.17
C PRO B 167 -33.65 11.78 28.16
N THR B 168 -34.07 10.71 28.82
CA THR B 168 -34.90 10.97 29.99
C THR B 168 -33.95 11.27 31.13
N VAL B 169 -34.40 12.17 31.99
CA VAL B 169 -33.69 12.63 33.16
C VAL B 169 -34.57 12.35 34.38
N PRO B 170 -33.95 12.19 35.57
CA PRO B 170 -34.74 12.02 36.81
C PRO B 170 -35.70 13.20 37.09
N ALA B 171 -36.61 13.02 38.04
CA ALA B 171 -37.71 13.98 38.28
C ALA B 171 -37.25 15.31 38.86
N ASN B 172 -36.10 15.29 39.55
CA ASN B 172 -35.53 16.49 40.16
C ASN B 172 -34.57 17.29 39.24
N TRP B 173 -34.49 16.89 37.96
CA TRP B 173 -33.79 17.62 36.92
C TRP B 173 -34.84 18.30 36.08
N SER B 174 -34.61 19.54 35.69
CA SER B 174 -35.47 20.19 34.70
C SER B 174 -34.66 21.05 33.74
N LEU B 175 -35.20 21.17 32.53
CA LEU B 175 -34.55 21.87 31.46
C LEU B 175 -34.33 23.35 31.82
N HIS B 176 -33.09 23.80 31.77
CA HIS B 176 -32.74 25.19 32.03
C HIS B 176 -32.44 26.01 30.73
N ARG B 177 -31.83 25.36 29.74
CA ARG B 177 -31.39 25.95 28.47
C ARG B 177 -31.38 24.92 27.37
N GLU B 178 -31.67 25.37 26.16
CA GLU B 178 -31.51 24.49 25.00
C GLU B 178 -31.21 25.30 23.75
N LYS B 179 -30.26 24.79 23.00
CA LYS B 179 -29.99 25.23 21.64
C LYS B 179 -30.00 23.97 20.79
N VAL B 180 -30.72 24.06 19.69
CA VAL B 180 -30.73 23.02 18.66
C VAL B 180 -30.01 23.60 17.42
N ALA B 181 -28.89 22.99 17.08
CA ALA B 181 -28.09 23.38 15.92
C ALA B 181 -27.84 22.11 15.13
N GLY B 182 -28.42 22.08 13.93
CA GLY B 182 -28.42 20.90 13.09
C GLY B 182 -29.18 19.73 13.69
N GLN B 183 -28.52 18.58 13.73
CA GLN B 183 -29.14 17.41 14.32
C GLN B 183 -28.69 17.20 15.78
N VAL B 184 -28.19 18.25 16.42
CA VAL B 184 -27.73 18.16 17.82
C VAL B 184 -28.48 19.09 18.78
N ALA B 185 -28.96 18.53 19.88
CA ALA B 185 -29.50 19.32 20.99
C ALA B 185 -28.46 19.54 22.10
N TYR B 186 -28.24 20.82 22.41
CA TYR B 186 -27.28 21.24 23.44
C TYR B 186 -28.10 21.74 24.60
N ARG B 187 -28.00 21.07 25.75
CA ARG B 187 -28.90 21.33 26.88
C ARG B 187 -28.18 21.57 28.18
N LEU B 188 -28.76 22.42 29.02
CA LEU B 188 -28.41 22.52 30.40
C LEU B 188 -29.65 22.16 31.24
N TYR B 189 -29.43 21.25 32.19
CA TYR B 189 -30.43 20.87 33.14
C TYR B 189 -30.07 21.43 34.47
N GLN B 190 -31.07 21.94 35.16
CA GLN B 190 -30.91 22.29 36.54
C GLN B 190 -31.38 21.11 37.41
N ARG B 191 -30.60 20.79 38.43
CA ARG B 191 -30.91 19.69 39.32
C ARG B 191 -30.97 20.22 40.74
N GLU B 192 -31.97 19.75 41.47
CA GLU B 192 -32.21 20.14 42.84
C GLU B 192 -32.26 18.87 43.67
N ALA B 193 -31.63 18.89 44.85
CA ALA B 193 -31.69 17.76 45.77
C ALA B 193 -33.13 17.47 46.18
N GLN B 194 -33.48 16.18 46.36
CA GLN B 194 -34.76 15.80 46.99
C GLN B 194 -34.63 15.72 48.51
N GLY C 12 -11.84 -22.80 31.11
CA GLY C 12 -11.60 -21.64 30.20
C GLY C 12 -10.51 -20.67 30.65
N GLN C 13 -9.56 -20.40 29.75
CA GLN C 13 -8.47 -19.46 30.02
C GLN C 13 -7.84 -18.94 28.72
N ILE C 14 -7.59 -17.63 28.63
CA ILE C 14 -6.74 -17.10 27.55
C ILE C 14 -5.42 -16.57 28.10
N ARG C 15 -4.38 -16.62 27.27
CA ARG C 15 -3.07 -16.08 27.63
C ARG C 15 -2.70 -14.97 26.67
N ILE C 16 -2.30 -13.83 27.20
CA ILE C 16 -1.87 -12.70 26.37
C ILE C 16 -0.48 -12.99 25.78
N ILE C 17 -0.35 -12.74 24.47
CA ILE C 17 0.87 -13.05 23.70
C ILE C 17 1.99 -12.02 23.82
N GLY C 18 1.67 -10.75 23.58
CA GLY C 18 2.67 -9.68 23.55
C GLY C 18 2.27 -8.43 24.31
N GLY C 19 3.13 -7.41 24.22
CA GLY C 19 2.91 -6.12 24.87
C GLY C 19 3.12 -6.14 26.37
N GLN C 20 2.55 -5.15 27.05
CA GLN C 20 2.79 -4.98 28.50
C GLN C 20 2.34 -6.17 29.38
N TRP C 21 1.24 -6.83 29.02
CA TRP C 21 0.75 -7.99 29.77
C TRP C 21 1.18 -9.35 29.19
N ARG C 22 2.28 -9.35 28.44
CA ARG C 22 2.84 -10.56 27.85
C ARG C 22 2.82 -11.76 28.81
N GLY C 23 2.23 -12.86 28.34
CA GLY C 23 2.20 -14.12 29.08
C GLY C 23 1.31 -14.19 30.32
N ARG C 24 0.50 -13.15 30.52
CA ARG C 24 -0.49 -13.13 31.61
C ARG C 24 -1.76 -13.89 31.18
N LYS C 25 -2.30 -14.68 32.11
CA LYS C 25 -3.38 -15.62 31.84
C LYS C 25 -4.64 -15.14 32.55
N LEU C 26 -5.77 -15.18 31.85
CA LEU C 26 -7.03 -14.66 32.41
C LEU C 26 -8.19 -15.64 32.25
N PRO C 27 -9.03 -15.79 33.31
CA PRO C 27 -10.17 -16.71 33.26
C PRO C 27 -11.30 -16.28 32.33
N VAL C 28 -11.79 -17.23 31.54
CA VAL C 28 -12.95 -17.00 30.68
C VAL C 28 -14.03 -18.04 31.01
N PRO C 29 -15.32 -17.71 30.74
CA PRO C 29 -16.34 -18.72 31.04
C PRO C 29 -16.37 -19.76 29.93
N ASP C 30 -17.08 -20.86 30.16
CA ASP C 30 -17.31 -21.88 29.13
C ASP C 30 -18.10 -21.35 27.93
N GLY C 33 -16.31 -19.57 21.82
CA GLY C 33 -15.28 -18.56 22.05
C GLY C 33 -13.88 -18.98 21.63
N LEU C 34 -13.73 -20.23 21.19
CA LEU C 34 -12.44 -20.80 20.79
C LEU C 34 -11.87 -20.04 19.59
N ARG C 35 -10.55 -19.84 19.60
CA ARG C 35 -9.83 -19.30 18.46
C ARG C 35 -9.84 -20.33 17.32
N PRO C 36 -10.38 -19.95 16.13
CA PRO C 36 -10.75 -20.95 15.11
C PRO C 36 -9.56 -21.76 14.58
N THR C 37 -8.37 -21.17 14.52
CA THR C 37 -7.13 -21.95 14.37
C THR C 37 -6.37 -22.02 15.71
N THR C 38 -5.76 -20.91 16.17
CA THR C 38 -5.09 -20.90 17.52
C THR C 38 -4.53 -19.52 17.96
N ASP C 39 -3.45 -19.53 18.77
CA ASP C 39 -2.65 -18.32 19.10
C ASP C 39 -2.14 -17.66 17.81
N ARG C 40 -2.14 -18.45 16.74
CA ARG C 40 -1.74 -18.00 15.40
C ARG C 40 -2.65 -16.92 14.83
N VAL C 41 -3.92 -16.92 15.24
CA VAL C 41 -4.88 -15.91 14.81
C VAL C 41 -4.33 -14.54 15.23
N ARG C 42 -4.11 -14.37 16.53
CA ARG C 42 -3.60 -13.12 17.10
C ARG C 42 -2.20 -12.72 16.63
N GLU C 43 -1.30 -13.69 16.47
CA GLU C 43 0.02 -13.46 15.95
C GLU C 43 -0.02 -12.92 14.51
N THR C 44 -0.85 -13.52 13.66
CA THR C 44 -0.96 -13.06 12.28
C THR C 44 -1.55 -11.63 12.25
N LEU C 45 -2.60 -11.42 13.02
CA LEU C 45 -3.27 -10.13 13.00
C LEU C 45 -2.40 -9.01 13.56
N PHE C 46 -1.81 -9.23 14.73
CA PHE C 46 -1.03 -8.18 15.38
C PHE C 46 0.35 -7.95 14.76
N ASN C 47 0.81 -8.88 13.91
CA ASN C 47 1.89 -8.55 12.96
C ASN C 47 1.41 -7.60 11.83
N TRP C 48 0.27 -7.92 11.20
CA TRP C 48 -0.36 -6.96 10.25
C TRP C 48 -0.55 -5.56 10.87
N LEU C 49 -0.89 -5.53 12.16
CA LEU C 49 -1.23 -4.25 12.82
C LEU C 49 -0.07 -3.55 13.50
N ALA C 50 1.08 -4.21 13.56
CA ALA C 50 2.25 -3.65 14.27
C ALA C 50 2.50 -2.18 13.96
N PRO C 51 2.46 -1.77 12.67
CA PRO C 51 2.75 -0.35 12.41
C PRO C 51 1.74 0.67 12.95
N VAL C 52 0.52 0.23 13.27
CA VAL C 52 -0.55 1.16 13.67
C VAL C 52 -1.21 0.92 15.04
N ILE C 53 -0.83 -0.16 15.74
CA ILE C 53 -1.54 -0.56 16.97
C ILE C 53 -1.28 0.43 18.15
N VAL C 54 -0.06 0.94 18.25
CA VAL C 54 0.23 1.88 19.34
C VAL C 54 -0.60 3.16 19.20
N ASP C 55 -1.30 3.52 20.27
CA ASP C 55 -2.17 4.71 20.32
C ASP C 55 -3.43 4.57 19.45
N ALA C 56 -3.73 3.36 18.98
CA ALA C 56 -4.94 3.16 18.17
C ALA C 56 -6.18 3.20 19.02
N GLN C 57 -7.24 3.80 18.48
CA GLN C 57 -8.59 3.64 19.02
C GLN C 57 -9.26 2.44 18.37
N CYS C 58 -9.59 1.46 19.21
CA CYS C 58 -10.08 0.15 18.74
C CYS C 58 -11.55 -0.07 19.05
N LEU C 59 -12.24 -0.66 18.07
CA LEU C 59 -13.61 -1.13 18.28
C LEU C 59 -13.71 -2.64 17.99
N ASP C 60 -14.12 -3.41 18.99
CA ASP C 60 -14.35 -4.80 18.74
C ASP C 60 -15.84 -5.09 18.77
N CYS C 61 -16.39 -5.46 17.61
CA CYS C 61 -17.84 -5.63 17.46
C CYS C 61 -18.46 -6.88 18.10
N PHE C 62 -17.63 -7.91 18.27
CA PHE C 62 -18.03 -9.21 18.86
C PHE C 62 -16.88 -9.65 19.73
N ALA C 63 -16.75 -8.98 20.88
CA ALA C 63 -15.52 -9.05 21.69
C ALA C 63 -15.24 -10.43 22.30
N GLY C 64 -16.29 -11.21 22.60
CA GLY C 64 -16.13 -12.57 23.11
C GLY C 64 -15.24 -12.63 24.37
N SER C 65 -14.28 -13.55 24.33
CA SER C 65 -13.23 -13.72 25.32
C SER C 65 -12.44 -12.45 25.60
N GLY C 66 -12.40 -11.53 24.64
CA GLY C 66 -11.49 -10.39 24.71
C GLY C 66 -10.12 -10.73 24.17
N ALA C 67 -9.98 -11.90 23.53
CA ALA C 67 -8.67 -12.26 22.94
C ALA C 67 -8.08 -11.09 22.12
N LEU C 68 -8.86 -10.52 21.21
CA LEU C 68 -8.35 -9.45 20.33
C LEU C 68 -8.26 -8.10 21.03
N GLY C 69 -9.31 -7.74 21.77
CA GLY C 69 -9.35 -6.46 22.48
C GLY C 69 -8.27 -6.33 23.56
N LEU C 70 -8.10 -7.37 24.38
CA LEU C 70 -7.08 -7.40 25.43
C LEU C 70 -5.67 -7.42 24.85
N GLU C 71 -5.49 -8.16 23.76
CA GLU C 71 -4.24 -8.12 23.00
C GLU C 71 -3.93 -6.70 22.48
N ALA C 72 -4.93 -6.03 21.90
CA ALA C 72 -4.79 -4.62 21.44
C ALA C 72 -4.33 -3.69 22.59
N LEU C 73 -5.07 -3.70 23.70
CA LEU C 73 -4.69 -2.94 24.89
C LEU C 73 -3.28 -3.27 25.39
N SER C 74 -2.91 -4.55 25.34
CA SER C 74 -1.61 -4.97 25.81
C SER C 74 -0.51 -4.38 24.94
N ARG C 75 -0.76 -4.29 23.64
CA ARG C 75 0.20 -3.73 22.68
C ARG C 75 0.06 -2.20 22.51
N TYR C 76 -0.50 -1.55 23.54
CA TYR C 76 -0.49 -0.07 23.75
C TYR C 76 -1.48 0.71 22.92
N ALA C 77 -2.60 0.09 22.61
CA ALA C 77 -3.71 0.80 22.00
C ALA C 77 -4.13 1.92 22.98
N ALA C 78 -4.55 3.07 22.45
CA ALA C 78 -5.00 4.21 23.25
C ALA C 78 -6.25 3.82 24.02
N GLY C 79 -7.16 3.08 23.38
CA GLY C 79 -8.38 2.63 24.04
C GLY C 79 -9.15 1.61 23.22
N ALA C 80 -10.08 0.90 23.86
CA ALA C 80 -10.94 -0.05 23.16
C ALA C 80 -12.37 -0.07 23.68
N THR C 81 -13.31 0.02 22.74
CA THR C 81 -14.73 -0.18 23.03
C THR C 81 -15.03 -1.61 22.59
N LEU C 82 -15.53 -2.41 23.53
CA LEU C 82 -15.74 -3.84 23.36
C LEU C 82 -17.22 -4.17 23.44
N ILE C 83 -17.80 -4.63 22.31
CA ILE C 83 -19.22 -4.97 22.25
C ILE C 83 -19.43 -6.50 22.33
N GLU C 84 -20.29 -6.93 23.24
CA GLU C 84 -20.50 -8.36 23.44
C GLU C 84 -21.92 -8.67 23.80
N MSE C 85 -22.57 -9.59 23.06
CA MSE C 85 -23.96 -9.91 23.32
CA MSE C 85 -23.98 -9.94 23.29
C MSE C 85 -24.21 -10.82 24.53
O MSE C 85 -25.23 -10.67 25.21
CB MSE C 85 -24.57 -10.57 22.10
CB MSE C 85 -24.62 -10.61 22.07
CG MSE C 85 -26.06 -10.54 22.11
CG MSE C 85 -26.18 -10.55 22.05
SE MSE C 85 -26.62 -11.44 20.53
SE MSE C 85 -27.18 -11.86 20.92
CE MSE C 85 -26.95 -13.37 21.31
CE MSE C 85 -26.79 -13.49 21.96
N ASP C 86 -23.30 -11.75 24.78
CA ASP C 86 -23.51 -12.76 25.81
C ASP C 86 -23.25 -12.11 27.20
N ARG C 87 -24.26 -12.12 28.06
CA ARG C 87 -24.20 -11.43 29.37
C ARG C 87 -23.09 -12.00 30.26
N ALA C 88 -22.94 -13.32 30.29
CA ALA C 88 -21.93 -13.98 31.11
C ALA C 88 -20.53 -13.68 30.59
N VAL C 89 -20.38 -13.73 29.27
CA VAL C 89 -19.11 -13.43 28.63
C VAL C 89 -18.76 -11.96 28.89
N SER C 90 -19.72 -11.06 28.75
CA SER C 90 -19.43 -9.64 28.95
C SER C 90 -19.06 -9.29 30.43
N GLN C 91 -19.67 -10.01 31.38
CA GLN C 91 -19.36 -9.75 32.79
C GLN C 91 -17.93 -10.15 33.12
N GLN C 92 -17.51 -11.31 32.59
CA GLN C 92 -16.15 -11.80 32.79
C GLN C 92 -15.13 -10.93 32.09
N LEU C 93 -15.47 -10.41 30.92
CA LEU C 93 -14.62 -9.43 30.24
C LEU C 93 -14.34 -8.21 31.14
N ILE C 94 -15.38 -7.70 31.80
CA ILE C 94 -15.29 -6.57 32.73
C ILE C 94 -14.34 -6.86 33.92
N LYS C 95 -14.43 -8.07 34.45
CA LYS C 95 -13.59 -8.51 35.55
C LYS C 95 -12.14 -8.68 35.09
N ASN C 96 -11.96 -9.16 33.87
CA ASN C 96 -10.60 -9.29 33.33
C ASN C 96 -9.91 -7.95 33.14
N LEU C 97 -10.64 -6.97 32.65
CA LEU C 97 -10.15 -5.58 32.54
C LEU C 97 -9.74 -5.02 33.93
N ALA C 98 -10.56 -5.30 34.93
CA ALA C 98 -10.28 -4.91 36.31
C ALA C 98 -9.01 -5.57 36.86
N THR C 99 -8.85 -6.87 36.62
CA THR C 99 -7.65 -7.61 36.99
C THR C 99 -6.40 -6.97 36.39
N LEU C 100 -6.49 -6.67 35.09
CA LEU C 100 -5.43 -6.04 34.36
C LEU C 100 -5.24 -4.57 34.71
N LYS C 101 -6.19 -4.01 35.47
CA LYS C 101 -6.22 -2.57 35.79
C LYS C 101 -6.19 -1.72 34.49
N ALA C 102 -6.94 -2.16 33.48
CA ALA C 102 -7.07 -1.40 32.24
C ALA C 102 -8.29 -0.49 32.29
N GLY C 103 -8.06 0.82 32.50
CA GLY C 103 -9.11 1.82 32.58
C GLY C 103 -9.50 2.34 31.22
N ASN C 104 -8.64 2.11 30.24
CA ASN C 104 -8.79 2.64 28.89
C ASN C 104 -9.63 1.76 27.98
N ALA C 105 -10.74 1.24 28.53
CA ALA C 105 -11.61 0.33 27.77
C ALA C 105 -13.00 0.39 28.35
N ARG C 106 -13.98 -0.02 27.55
CA ARG C 106 -15.38 -0.19 28.04
C ARG C 106 -15.99 -1.42 27.40
N VAL C 107 -16.88 -2.07 28.13
CA VAL C 107 -17.63 -3.20 27.65
C VAL C 107 -19.07 -2.76 27.55
N VAL C 108 -19.64 -2.93 26.35
CA VAL C 108 -21.06 -2.73 26.14
C VAL C 108 -21.74 -4.08 25.88
N ASN C 109 -22.69 -4.46 26.73
CA ASN C 109 -23.46 -5.70 26.58
C ASN C 109 -24.62 -5.47 25.63
N SER C 110 -24.35 -5.69 24.34
CA SER C 110 -25.30 -5.45 23.28
C SER C 110 -24.89 -6.30 22.10
N ASN C 111 -25.85 -6.61 21.24
CA ASN C 111 -25.52 -7.13 19.91
C ASN C 111 -24.98 -5.99 19.04
N ALA C 112 -24.13 -6.34 18.07
CA ALA C 112 -23.44 -5.35 17.24
C ALA C 112 -24.41 -4.55 16.38
N MSE C 113 -25.47 -5.18 15.85
CA MSE C 113 -26.36 -4.46 14.95
C MSE C 113 -27.17 -3.32 15.64
O MSE C 113 -27.23 -2.21 15.11
CB MSE C 113 -27.23 -5.42 14.12
CG MSE C 113 -26.39 -6.20 13.07
SE MSE C 113 -27.39 -7.51 11.98
CE MSE C 113 -28.55 -8.48 13.42
N SER C 114 -27.70 -3.59 16.82
CA SER C 114 -28.28 -2.54 17.68
C SER C 114 -27.30 -1.45 18.08
N PHE C 115 -26.13 -1.85 18.57
CA PHE C 115 -25.15 -0.87 19.00
C PHE C 115 -24.66 0.05 17.85
N LEU C 116 -24.43 -0.53 16.67
CA LEU C 116 -23.85 0.20 15.54
C LEU C 116 -24.86 1.11 14.83
N ALA C 117 -26.16 0.87 15.05
CA ALA C 117 -27.26 1.63 14.43
C ALA C 117 -27.56 2.96 15.13
N GLN C 118 -26.53 3.80 15.21
CA GLN C 118 -26.61 5.14 15.79
C GLN C 118 -25.40 5.93 15.27
N LYS C 119 -25.41 7.25 15.50
CA LYS C 119 -24.26 8.06 15.16
C LYS C 119 -23.04 7.57 15.96
N GLY C 120 -22.04 7.11 15.22
CA GLY C 120 -20.88 6.53 15.83
C GLY C 120 -19.75 7.50 16.06
N THR C 121 -18.67 6.97 16.63
CA THR C 121 -17.43 7.74 16.78
C THR C 121 -16.28 7.02 15.99
N PRO C 122 -15.35 7.77 15.36
CA PRO C 122 -14.36 7.11 14.52
C PRO C 122 -13.26 6.31 15.25
N HIS C 123 -13.00 5.10 14.76
CA HIS C 123 -11.90 4.26 15.24
C HIS C 123 -10.87 3.98 14.16
N ASN C 124 -9.64 3.74 14.60
CA ASN C 124 -8.49 3.42 13.76
C ASN C 124 -8.46 1.94 13.31
N ILE C 125 -8.92 1.07 14.20
CA ILE C 125 -8.84 -0.38 14.01
C ILE C 125 -10.17 -0.96 14.45
N VAL C 126 -10.80 -1.76 13.61
CA VAL C 126 -12.09 -2.35 14.00
C VAL C 126 -11.99 -3.87 13.80
N PHE C 127 -12.45 -4.64 14.78
CA PHE C 127 -12.42 -6.12 14.70
C PHE C 127 -13.83 -6.60 14.47
N VAL C 128 -14.03 -7.35 13.38
CA VAL C 128 -15.36 -7.86 13.04
C VAL C 128 -15.27 -9.37 12.86
N ASP C 129 -15.46 -10.08 13.96
CA ASP C 129 -15.49 -11.53 13.93
C ASP C 129 -16.83 -12.03 14.45
N PRO C 130 -17.88 -12.06 13.60
CA PRO C 130 -19.23 -12.44 14.06
C PRO C 130 -19.33 -13.99 14.31
N PRO C 131 -20.27 -14.44 15.17
CA PRO C 131 -20.43 -15.90 15.38
C PRO C 131 -20.85 -16.66 14.12
N PHE C 132 -21.44 -15.96 13.14
CA PHE C 132 -21.87 -16.54 11.87
C PHE C 132 -21.99 -15.39 10.88
N ARG C 133 -21.90 -15.74 9.59
CA ARG C 133 -21.82 -14.70 8.57
CA ARG C 133 -21.83 -14.78 8.50
C ARG C 133 -23.18 -14.19 8.09
N ARG C 134 -24.08 -15.08 7.67
CA ARG C 134 -25.40 -14.74 7.12
C ARG C 134 -26.26 -14.09 8.19
N GLY C 135 -26.84 -12.94 7.86
CA GLY C 135 -27.65 -12.16 8.81
C GLY C 135 -26.86 -11.11 9.57
N LEU C 136 -25.54 -11.23 9.59
CA LEU C 136 -24.71 -10.36 10.43
C LEU C 136 -23.62 -9.61 9.73
N LEU C 137 -22.85 -10.30 8.89
CA LEU C 137 -21.59 -9.74 8.43
C LEU C 137 -21.75 -8.50 7.54
N GLU C 138 -22.49 -8.67 6.44
CA GLU C 138 -22.73 -7.60 5.48
C GLU C 138 -23.34 -6.39 6.20
N GLU C 139 -24.33 -6.68 7.04
CA GLU C 139 -25.04 -5.69 7.85
C GLU C 139 -24.10 -4.88 8.76
N THR C 140 -23.25 -5.57 9.53
CA THR C 140 -22.27 -4.95 10.45
C THR C 140 -21.30 -4.05 9.68
N ILE C 141 -20.81 -4.56 8.55
CA ILE C 141 -19.92 -3.80 7.69
C ILE C 141 -20.55 -2.52 7.15
N ASN C 142 -21.80 -2.60 6.70
CA ASN C 142 -22.53 -1.41 6.20
C ASN C 142 -22.81 -0.39 7.31
N LEU C 143 -23.15 -0.87 8.49
CA LEU C 143 -23.34 -0.01 9.66
C LEU C 143 -22.07 0.77 10.02
N LEU C 144 -20.93 0.07 10.03
CA LEU C 144 -19.64 0.66 10.36
C LEU C 144 -19.31 1.75 9.38
N GLU C 145 -19.45 1.46 8.08
CA GLU C 145 -19.18 2.45 7.06
C GLU C 145 -20.14 3.65 7.09
N ASP C 146 -21.43 3.37 7.28
CA ASP C 146 -22.45 4.39 7.09
C ASP C 146 -22.59 5.36 8.26
N ASN C 147 -22.28 4.87 9.47
CA ASN C 147 -22.61 5.58 10.71
C ASN C 147 -21.41 6.19 11.44
N GLY C 148 -20.28 6.33 10.73
CA GLY C 148 -19.16 7.13 11.20
C GLY C 148 -18.32 6.48 12.29
N TRP C 149 -18.31 5.15 12.32
CA TRP C 149 -17.52 4.37 13.26
C TRP C 149 -16.04 4.23 12.88
N LEU C 150 -15.71 4.65 11.66
CA LEU C 150 -14.41 4.43 11.08
C LEU C 150 -13.64 5.73 10.89
N ALA C 151 -12.39 5.76 11.34
CA ALA C 151 -11.48 6.86 11.01
C ALA C 151 -11.24 6.89 9.52
N ASP C 152 -10.80 8.05 9.02
CA ASP C 152 -10.53 8.26 7.60
C ASP C 152 -9.73 7.11 6.98
N GLU C 153 -8.68 6.66 7.65
CA GLU C 153 -7.83 5.61 7.09
C GLU C 153 -7.92 4.29 7.87
N ALA C 154 -9.11 3.96 8.37
CA ALA C 154 -9.28 2.79 9.24
C ALA C 154 -8.85 1.43 8.65
N LEU C 155 -8.41 0.53 9.53
CA LEU C 155 -8.20 -0.85 9.23
C LEU C 155 -9.31 -1.71 9.85
N ILE C 156 -9.92 -2.56 9.04
CA ILE C 156 -11.02 -3.41 9.50
C ILE C 156 -10.64 -4.88 9.32
N TYR C 157 -10.54 -5.60 10.42
CA TYR C 157 -10.23 -7.04 10.48
C TYR C 157 -11.55 -7.78 10.39
N VAL C 158 -11.67 -8.70 9.42
CA VAL C 158 -12.91 -9.42 9.24
C VAL C 158 -12.59 -10.90 9.22
N GLU C 159 -13.22 -11.64 10.10
CA GLU C 159 -13.04 -13.06 10.17
C GLU C 159 -14.40 -13.67 9.81
N SER C 160 -14.42 -14.52 8.79
CA SER C 160 -15.66 -15.23 8.46
C SER C 160 -15.43 -16.44 7.59
N GLU C 161 -16.44 -17.30 7.53
CA GLU C 161 -16.42 -18.44 6.61
C GLU C 161 -16.27 -18.00 5.15
N VAL C 162 -15.56 -18.81 4.40
CA VAL C 162 -15.37 -18.56 2.97
C VAL C 162 -16.69 -18.60 2.18
N GLU C 163 -16.83 -17.68 1.23
CA GLU C 163 -17.91 -17.72 0.21
C GLU C 163 -17.27 -18.11 -1.12
N ASN C 164 -18.07 -18.22 -2.19
CA ASN C 164 -17.51 -18.34 -3.53
CA ASN C 164 -17.47 -18.34 -3.52
C ASN C 164 -17.07 -16.95 -4.00
N GLY C 165 -15.77 -16.66 -3.86
CA GLY C 165 -15.21 -15.33 -4.13
C GLY C 165 -15.21 -14.53 -2.84
N LEU C 166 -14.79 -13.27 -2.94
CA LEU C 166 -14.72 -12.39 -1.75
C LEU C 166 -16.07 -11.71 -1.47
N PRO C 167 -16.34 -11.39 -0.20
CA PRO C 167 -17.59 -10.73 0.23
C PRO C 167 -17.80 -9.39 -0.47
N THR C 168 -18.93 -8.74 -0.19
CA THR C 168 -19.08 -7.38 -0.70
C THR C 168 -18.89 -6.35 0.41
N VAL C 169 -18.01 -5.41 0.12
CA VAL C 169 -17.59 -4.38 1.03
C VAL C 169 -17.82 -3.06 0.30
N PRO C 170 -17.92 -1.94 1.04
CA PRO C 170 -18.05 -0.66 0.35
C PRO C 170 -16.94 -0.43 -0.70
N ALA C 171 -17.18 0.42 -1.68
CA ALA C 171 -16.19 0.63 -2.76
C ALA C 171 -14.90 1.25 -2.24
N ASN C 172 -14.95 1.86 -1.06
CA ASN C 172 -13.81 2.57 -0.49
C ASN C 172 -12.99 1.75 0.51
N TRP C 173 -13.35 0.48 0.66
CA TRP C 173 -12.55 -0.49 1.41
C TRP C 173 -11.73 -1.28 0.42
N SER C 174 -10.45 -1.46 0.71
CA SER C 174 -9.70 -2.40 -0.11
C SER C 174 -8.90 -3.43 0.67
N LEU C 175 -8.93 -4.65 0.15
CA LEU C 175 -8.37 -5.80 0.83
C LEU C 175 -6.85 -5.77 0.71
N HIS C 176 -6.16 -5.71 1.85
CA HIS C 176 -4.70 -5.57 1.86
C HIS C 176 -4.04 -6.89 2.28
N ARG C 177 -4.71 -7.60 3.20
CA ARG C 177 -4.20 -8.86 3.74
CA ARG C 177 -4.20 -8.87 3.73
C ARG C 177 -5.34 -9.87 3.84
N GLU C 178 -5.03 -11.13 3.57
CA GLU C 178 -5.96 -12.21 3.72
C GLU C 178 -5.21 -13.49 4.05
N LYS C 179 -5.75 -14.24 5.00
CA LYS C 179 -5.32 -15.60 5.28
C LYS C 179 -6.55 -16.51 5.27
N VAL C 180 -6.48 -17.59 4.50
CA VAL C 180 -7.55 -18.59 4.48
C VAL C 180 -6.98 -19.88 5.07
N ALA C 181 -7.64 -20.37 6.12
CA ALA C 181 -7.30 -21.65 6.76
C ALA C 181 -8.54 -22.51 6.78
N GLY C 182 -8.52 -23.58 6.01
CA GLY C 182 -9.70 -24.43 5.84
C GLY C 182 -10.90 -23.65 5.37
N GLN C 183 -11.90 -23.57 6.24
CA GLN C 183 -13.17 -22.97 5.88
C GLN C 183 -13.33 -21.53 6.35
N VAL C 184 -12.26 -20.97 6.92
CA VAL C 184 -12.27 -19.61 7.49
C VAL C 184 -11.31 -18.63 6.78
N ALA C 185 -11.83 -17.47 6.44
CA ALA C 185 -11.03 -16.40 5.89
C ALA C 185 -10.83 -15.31 6.95
N TYR C 186 -9.57 -14.87 7.10
CA TYR C 186 -9.18 -13.78 8.01
C TYR C 186 -8.65 -12.61 7.19
N ARG C 187 -9.36 -11.50 7.20
CA ARG C 187 -9.09 -10.45 6.24
C ARG C 187 -8.78 -9.10 6.90
N LEU C 188 -7.94 -8.32 6.25
CA LEU C 188 -7.66 -6.95 6.70
C LEU C 188 -7.89 -5.96 5.57
N TYR C 189 -8.95 -5.18 5.73
CA TYR C 189 -9.28 -4.09 4.82
C TYR C 189 -8.74 -2.74 5.23
N GLN C 190 -8.39 -1.96 4.24
CA GLN C 190 -8.00 -0.61 4.48
C GLN C 190 -9.07 0.30 3.88
N ARG C 191 -9.57 1.21 4.72
CA ARG C 191 -10.53 2.18 4.28
C ARG C 191 -9.86 3.42 3.65
N GLU C 192 -10.54 4.00 2.66
CA GLU C 192 -10.30 5.38 2.22
C GLU C 192 -11.52 6.19 2.62
N ALA C 193 -11.34 7.43 3.09
CA ALA C 193 -12.48 8.31 3.34
C ALA C 193 -13.24 8.59 2.02
N GLN C 194 -14.53 8.23 2.01
CA GLN C 194 -15.43 8.39 0.86
C GLN C 194 -15.48 9.82 0.33
N GLY D 12 26.40 -5.55 -59.98
CA GLY D 12 26.18 -6.76 -60.83
C GLY D 12 25.36 -6.38 -62.03
N GLN D 13 24.79 -7.38 -62.71
CA GLN D 13 23.90 -7.14 -63.83
C GLN D 13 22.61 -7.95 -63.79
N ILE D 14 21.58 -7.38 -64.41
CA ILE D 14 20.26 -7.98 -64.58
C ILE D 14 20.11 -8.14 -66.08
N ARG D 15 19.74 -9.33 -66.52
CA ARG D 15 19.38 -9.49 -67.93
C ARG D 15 17.88 -9.68 -68.03
N ILE D 16 17.26 -8.86 -68.87
CA ILE D 16 15.84 -9.00 -69.21
C ILE D 16 15.71 -10.15 -70.23
N ILE D 17 14.88 -11.15 -69.90
CA ILE D 17 14.88 -12.35 -70.75
C ILE D 17 13.77 -12.39 -71.80
N GLY D 18 12.77 -11.51 -71.67
CA GLY D 18 11.67 -11.47 -72.62
C GLY D 18 11.18 -10.08 -72.96
N GLY D 19 10.23 -10.04 -73.89
CA GLY D 19 9.52 -8.81 -74.25
C GLY D 19 10.32 -7.79 -75.04
N GLN D 20 9.90 -6.53 -74.97
CA GLN D 20 10.53 -5.53 -75.79
C GLN D 20 12.00 -5.25 -75.47
N TRP D 21 12.44 -5.51 -74.23
CA TRP D 21 13.88 -5.30 -73.92
C TRP D 21 14.67 -6.59 -73.75
N ARG D 22 14.17 -7.64 -74.40
CA ARG D 22 14.75 -8.97 -74.28
C ARG D 22 16.24 -8.92 -74.56
N GLY D 23 17.04 -9.47 -73.65
CA GLY D 23 18.48 -9.48 -73.82
C GLY D 23 19.17 -8.17 -73.43
N ARG D 24 18.40 -7.14 -73.03
CA ARG D 24 19.00 -5.88 -72.56
C ARG D 24 19.59 -6.08 -71.17
N LYS D 25 20.82 -5.61 -70.95
CA LYS D 25 21.55 -5.79 -69.70
CA LYS D 25 21.48 -5.80 -69.66
C LYS D 25 21.60 -4.47 -68.92
N LEU D 26 21.32 -4.53 -67.60
CA LEU D 26 21.25 -3.37 -66.68
C LEU D 26 22.06 -3.59 -65.39
N PRO D 27 22.72 -2.53 -64.86
CA PRO D 27 23.56 -2.66 -63.64
C PRO D 27 22.77 -2.60 -62.32
N VAL D 28 23.16 -3.39 -61.32
CA VAL D 28 22.46 -3.46 -60.02
C VAL D 28 23.38 -3.62 -58.80
N PRO D 29 24.32 -2.67 -58.61
CA PRO D 29 25.55 -2.94 -57.83
C PRO D 29 25.34 -3.29 -56.35
N ASP D 30 26.23 -4.14 -55.83
CA ASP D 30 26.46 -4.36 -54.39
C ASP D 30 25.32 -5.03 -53.58
N SER D 31 24.42 -5.76 -54.26
CA SER D 31 23.19 -6.22 -53.61
C SER D 31 22.97 -7.75 -53.62
N PRO D 32 21.85 -8.24 -53.04
CA PRO D 32 21.62 -9.68 -52.95
C PRO D 32 20.95 -10.31 -54.20
N GLY D 33 21.41 -11.51 -54.57
CA GLY D 33 20.98 -12.22 -55.78
C GLY D 33 19.48 -12.23 -56.07
N THR D 38 17.05 -15.03 -60.97
CA THR D 38 17.62 -15.96 -61.96
C THR D 38 16.73 -16.03 -63.17
N ASP D 39 17.30 -16.47 -64.28
CA ASP D 39 16.56 -16.59 -65.52
C ASP D 39 15.46 -17.64 -65.38
N ARG D 40 15.77 -18.78 -64.76
CA ARG D 40 14.87 -19.93 -64.79
C ARG D 40 13.58 -19.68 -64.01
N VAL D 41 13.70 -18.94 -62.91
CA VAL D 41 12.56 -18.51 -62.10
C VAL D 41 11.68 -17.50 -62.86
N ARG D 42 12.30 -16.48 -63.45
CA ARG D 42 11.53 -15.51 -64.23
C ARG D 42 10.82 -16.17 -65.41
N GLU D 43 11.53 -17.09 -66.06
CA GLU D 43 11.03 -17.85 -67.19
C GLU D 43 9.77 -18.61 -66.77
N THR D 44 9.83 -19.35 -65.67
CA THR D 44 8.68 -20.07 -65.17
C THR D 44 7.51 -19.13 -64.86
N LEU D 45 7.78 -18.07 -64.08
CA LEU D 45 6.75 -17.17 -63.63
C LEU D 45 6.09 -16.43 -64.83
N PHE D 46 6.91 -15.96 -65.76
CA PHE D 46 6.38 -15.21 -66.90
C PHE D 46 5.76 -16.07 -67.97
N ASN D 47 6.13 -17.33 -68.00
CA ASN D 47 5.34 -18.30 -68.74
C ASN D 47 3.94 -18.45 -68.14
N TRP D 48 3.84 -18.60 -66.80
CA TRP D 48 2.54 -18.61 -66.13
C TRP D 48 1.72 -17.35 -66.43
N LEU D 49 2.39 -16.19 -66.43
CA LEU D 49 1.72 -14.89 -66.62
C LEU D 49 1.50 -14.49 -68.07
N ALA D 50 1.99 -15.28 -69.01
CA ALA D 50 1.98 -14.88 -70.41
C ALA D 50 0.57 -14.47 -70.88
N PRO D 51 -0.49 -15.25 -70.56
CA PRO D 51 -1.81 -14.86 -71.07
C PRO D 51 -2.45 -13.61 -70.43
N VAL D 52 -1.86 -13.06 -69.37
CA VAL D 52 -2.46 -11.91 -68.69
C VAL D 52 -1.53 -10.68 -68.52
N ILE D 53 -0.27 -10.83 -68.91
CA ILE D 53 0.76 -9.83 -68.65
C ILE D 53 0.56 -8.53 -69.47
N VAL D 54 0.09 -8.64 -70.72
CA VAL D 54 -0.13 -7.48 -71.60
C VAL D 54 -1.23 -6.61 -71.00
N ASP D 55 -0.92 -5.33 -70.82
CA ASP D 55 -1.84 -4.32 -70.25
C ASP D 55 -2.16 -4.54 -68.76
N ALA D 56 -1.46 -5.46 -68.10
CA ALA D 56 -1.67 -5.68 -66.67
C ALA D 56 -1.13 -4.53 -65.84
N GLN D 57 -1.83 -4.16 -64.76
CA GLN D 57 -1.28 -3.27 -63.73
C GLN D 57 -0.56 -4.11 -62.67
N CYS D 58 0.72 -3.82 -62.46
CA CYS D 58 1.56 -4.62 -61.63
C CYS D 58 2.09 -3.89 -60.40
N LEU D 59 2.18 -4.62 -59.30
CA LEU D 59 2.75 -4.04 -58.08
C LEU D 59 3.85 -4.99 -57.61
N ASP D 60 5.07 -4.47 -57.40
CA ASP D 60 6.17 -5.25 -56.86
C ASP D 60 6.49 -4.71 -55.45
N CYS D 61 6.20 -5.54 -54.45
CA CYS D 61 6.25 -5.15 -53.03
C CYS D 61 7.66 -5.02 -52.46
N PHE D 62 8.64 -5.71 -53.05
CA PHE D 62 10.03 -5.66 -52.57
C PHE D 62 10.84 -5.77 -53.85
N ALA D 63 10.90 -4.66 -54.58
CA ALA D 63 11.33 -4.68 -55.99
C ALA D 63 12.81 -5.06 -56.12
N GLY D 64 13.61 -4.61 -55.17
CA GLY D 64 15.07 -4.90 -55.15
C GLY D 64 15.78 -4.50 -56.44
N SER D 65 16.33 -5.48 -57.13
CA SER D 65 16.98 -5.32 -58.43
C SER D 65 16.03 -4.84 -59.55
N GLY D 66 14.73 -5.08 -59.39
CA GLY D 66 13.77 -4.74 -60.39
C GLY D 66 13.55 -5.87 -61.39
N ALA D 67 14.22 -6.99 -61.18
CA ALA D 67 14.12 -8.14 -62.09
C ALA D 67 12.67 -8.51 -62.45
N LEU D 68 11.76 -8.51 -61.48
CA LEU D 68 10.38 -8.87 -61.75
C LEU D 68 9.61 -7.74 -62.41
N GLY D 69 9.72 -6.53 -61.85
CA GLY D 69 9.03 -5.37 -62.40
C GLY D 69 9.45 -5.00 -63.82
N LEU D 70 10.76 -5.05 -64.10
CA LEU D 70 11.31 -4.72 -65.42
C LEU D 70 10.94 -5.73 -66.50
N GLU D 71 10.98 -7.00 -66.13
CA GLU D 71 10.51 -8.07 -66.98
C GLU D 71 9.02 -7.88 -67.32
N ALA D 72 8.21 -7.48 -66.33
CA ALA D 72 6.78 -7.21 -66.54
C ALA D 72 6.55 -6.05 -67.51
N LEU D 73 7.26 -4.94 -67.29
CA LEU D 73 7.25 -3.82 -68.25
C LEU D 73 7.75 -4.20 -69.65
N SER D 74 8.77 -5.02 -69.72
CA SER D 74 9.24 -5.46 -70.99
C SER D 74 8.13 -6.22 -71.74
N ARG D 75 7.35 -7.01 -71.01
CA ARG D 75 6.34 -7.86 -71.63
C ARG D 75 4.99 -7.16 -71.81
N TYR D 76 5.06 -5.82 -71.87
CA TYR D 76 3.95 -4.93 -72.21
C TYR D 76 2.88 -4.79 -71.13
N ALA D 77 3.28 -4.93 -69.86
CA ALA D 77 2.45 -4.47 -68.75
C ALA D 77 2.09 -3.03 -69.03
N ALA D 78 0.85 -2.65 -68.72
CA ALA D 78 0.41 -1.25 -68.84
C ALA D 78 1.20 -0.37 -67.88
N GLY D 79 1.53 -0.90 -66.71
CA GLY D 79 2.15 -0.10 -65.66
C GLY D 79 2.64 -0.95 -64.49
N ALA D 80 3.63 -0.41 -63.79
CA ALA D 80 4.25 -1.07 -62.64
C ALA D 80 4.60 -0.06 -61.56
N THR D 81 4.18 -0.36 -60.33
CA THR D 81 4.57 0.41 -59.16
C THR D 81 5.52 -0.48 -58.38
N LEU D 82 6.72 0.05 -58.14
CA LEU D 82 7.81 -0.74 -57.60
C LEU D 82 8.18 -0.17 -56.26
N ILE D 83 8.00 -1.00 -55.23
CA ILE D 83 8.21 -0.58 -53.84
C ILE D 83 9.56 -1.14 -53.34
N GLU D 84 10.46 -0.26 -52.89
CA GLU D 84 11.79 -0.75 -52.47
C GLU D 84 12.24 0.02 -51.22
N MSE D 85 12.64 -0.67 -50.16
CA MSE D 85 13.04 -0.02 -48.91
CA MSE D 85 13.04 -0.04 -48.90
C MSE D 85 14.43 0.61 -48.96
O MSE D 85 14.68 1.65 -48.35
CB MSE D 85 12.98 -0.99 -47.74
CB MSE D 85 12.98 -1.05 -47.74
CG MSE D 85 13.13 -0.30 -46.39
CG MSE D 85 13.02 -0.43 -46.34
SE MSE D 85 13.09 -1.55 -44.96
SE MSE D 85 14.66 -0.79 -45.33
CE MSE D 85 14.98 -2.21 -44.87
CE MSE D 85 15.87 -0.13 -46.40
N ASP D 86 15.34 -0.03 -49.67
CA ASP D 86 16.71 0.44 -49.76
C ASP D 86 16.79 1.66 -50.71
N ARG D 87 17.25 2.79 -50.17
CA ARG D 87 17.36 4.07 -50.91
C ARG D 87 18.34 4.02 -52.08
N ALA D 88 19.54 3.47 -51.87
CA ALA D 88 20.49 3.19 -52.97
C ALA D 88 19.90 2.32 -54.08
N VAL D 89 19.26 1.21 -53.69
CA VAL D 89 18.62 0.31 -54.61
C VAL D 89 17.45 0.98 -55.37
N SER D 90 16.61 1.75 -54.65
CA SER D 90 15.52 2.56 -55.27
C SER D 90 16.05 3.49 -56.36
N GLN D 91 17.13 4.22 -56.02
CA GLN D 91 17.78 5.18 -56.92
C GLN D 91 18.30 4.53 -58.21
N GLN D 92 18.89 3.34 -58.08
CA GLN D 92 19.36 2.56 -59.21
C GLN D 92 18.21 2.05 -60.07
N LEU D 93 17.12 1.64 -59.43
CA LEU D 93 15.93 1.24 -60.17
C LEU D 93 15.41 2.38 -61.07
N ILE D 94 15.33 3.60 -60.52
CA ILE D 94 14.91 4.81 -61.22
C ILE D 94 15.82 5.11 -62.42
N LYS D 95 17.12 4.99 -62.21
CA LYS D 95 18.09 5.20 -63.28
CA LYS D 95 18.12 5.17 -63.27
C LYS D 95 17.90 4.18 -64.40
N ASN D 96 17.64 2.92 -64.02
CA ASN D 96 17.42 1.86 -64.99
C ASN D 96 16.17 2.03 -65.80
N LEU D 97 15.09 2.49 -65.16
CA LEU D 97 13.88 2.84 -65.87
C LEU D 97 14.08 3.98 -66.89
N ALA D 98 14.87 4.98 -66.51
CA ALA D 98 15.22 6.08 -67.42
C ALA D 98 16.00 5.56 -68.66
N THR D 99 17.02 4.73 -68.45
CA THR D 99 17.73 4.03 -69.52
C THR D 99 16.77 3.35 -70.54
N LEU D 100 15.76 2.68 -70.02
CA LEU D 100 14.81 1.91 -70.83
C LEU D 100 13.72 2.79 -71.39
N LYS D 101 13.71 4.07 -70.97
CA LYS D 101 12.67 5.03 -71.38
C LYS D 101 11.31 4.50 -70.94
N ALA D 102 11.24 3.89 -69.77
CA ALA D 102 9.99 3.32 -69.27
C ALA D 102 9.30 4.36 -68.39
N GLY D 103 8.41 5.13 -69.01
CA GLY D 103 7.61 6.11 -68.33
C GLY D 103 6.43 5.54 -67.59
N ASN D 104 6.02 4.32 -67.92
CA ASN D 104 4.83 3.71 -67.34
C ASN D 104 5.16 2.94 -66.04
N ALA D 105 5.96 3.56 -65.18
CA ALA D 105 6.38 2.93 -63.92
C ALA D 105 6.78 3.97 -62.91
N ARG D 106 6.73 3.61 -61.63
CA ARG D 106 7.22 4.48 -60.59
C ARG D 106 7.90 3.64 -59.52
N VAL D 107 8.77 4.27 -58.77
CA VAL D 107 9.49 3.62 -57.72
C VAL D 107 9.16 4.40 -56.48
N VAL D 108 8.70 3.70 -55.46
CA VAL D 108 8.43 4.29 -54.19
C VAL D 108 9.47 3.72 -53.19
N ASN D 109 10.22 4.61 -52.57
CA ASN D 109 11.23 4.19 -51.60
C ASN D 109 10.54 4.01 -50.26
N SER D 110 10.05 2.80 -50.00
CA SER D 110 9.32 2.56 -48.73
C SER D 110 9.44 1.11 -48.37
N ASN D 111 9.34 0.81 -47.08
CA ASN D 111 9.08 -0.56 -46.69
C ASN D 111 7.62 -0.88 -47.06
N ALA D 112 7.32 -2.15 -47.32
CA ALA D 112 6.01 -2.58 -47.75
C ALA D 112 4.92 -2.48 -46.68
N MSE D 113 5.28 -2.61 -45.41
CA MSE D 113 4.27 -2.60 -44.35
C MSE D 113 3.63 -1.24 -44.21
O MSE D 113 2.41 -1.14 -44.12
CB MSE D 113 4.91 -2.91 -43.00
CG MSE D 113 5.66 -4.18 -43.03
SE MSE D 113 4.40 -5.63 -43.13
CE MSE D 113 5.26 -6.49 -41.85
N SER D 114 4.47 -0.20 -44.16
CA SER D 114 4.00 1.16 -44.13
C SER D 114 3.33 1.52 -45.42
N PHE D 115 3.90 1.12 -46.57
CA PHE D 115 3.29 1.46 -47.87
C PHE D 115 1.87 0.88 -48.11
N LEU D 116 1.70 -0.40 -47.77
CA LEU D 116 0.45 -1.13 -48.04
C LEU D 116 -0.60 -0.83 -46.99
N ALA D 117 -0.17 -0.28 -45.85
CA ALA D 117 -1.14 0.06 -44.78
C ALA D 117 -1.75 1.46 -45.04
N GLN D 118 -2.50 1.54 -46.15
CA GLN D 118 -3.27 2.71 -46.56
C GLN D 118 -4.32 2.22 -47.60
N LYS D 119 -5.27 3.08 -47.96
CA LYS D 119 -6.22 2.77 -49.01
C LYS D 119 -5.44 2.60 -50.33
N GLY D 120 -5.53 1.40 -50.89
CA GLY D 120 -4.78 1.08 -52.09
C GLY D 120 -5.52 1.26 -53.38
N THR D 121 -4.83 0.92 -54.45
CA THR D 121 -5.40 0.85 -55.78
C THR D 121 -5.27 -0.59 -56.36
N PRO D 122 -6.32 -1.08 -57.06
CA PRO D 122 -6.30 -2.48 -57.52
C PRO D 122 -5.28 -2.84 -58.65
N HIS D 123 -4.58 -3.95 -58.43
CA HIS D 123 -3.63 -4.48 -59.39
C HIS D 123 -4.02 -5.88 -59.82
N ASN D 124 -3.73 -6.17 -61.09
CA ASN D 124 -3.94 -7.48 -61.71
C ASN D 124 -2.88 -8.50 -61.31
N ILE D 125 -1.65 -8.02 -61.13
CA ILE D 125 -0.50 -8.87 -60.82
C ILE D 125 0.36 -8.27 -59.70
N VAL D 126 0.62 -9.07 -58.67
CA VAL D 126 1.43 -8.59 -57.53
C VAL D 126 2.53 -9.56 -57.21
N PHE D 127 3.74 -9.03 -57.04
CA PHE D 127 4.89 -9.84 -56.70
C PHE D 127 5.25 -9.69 -55.22
N VAL D 128 5.34 -10.82 -54.53
CA VAL D 128 5.65 -10.88 -53.09
C VAL D 128 6.85 -11.83 -52.84
N ASP D 129 8.04 -11.26 -52.96
CA ASP D 129 9.29 -11.99 -52.71
C ASP D 129 10.08 -11.16 -51.68
N PRO D 130 9.68 -11.26 -50.38
CA PRO D 130 10.36 -10.48 -49.32
C PRO D 130 11.79 -10.94 -49.07
N PRO D 131 12.66 -10.01 -48.64
CA PRO D 131 14.07 -10.33 -48.32
C PRO D 131 14.21 -11.37 -47.19
N PHE D 132 13.21 -11.44 -46.32
CA PHE D 132 13.11 -12.54 -45.35
C PHE D 132 11.61 -12.78 -45.17
N ARG D 133 11.22 -13.97 -44.73
CA ARG D 133 9.80 -14.32 -44.76
C ARG D 133 9.04 -14.02 -43.46
N ARG D 134 9.58 -14.44 -42.33
CA ARG D 134 8.87 -14.31 -41.07
C ARG D 134 8.91 -12.88 -40.59
N GLY D 135 7.70 -12.32 -40.44
CA GLY D 135 7.52 -10.89 -40.19
C GLY D 135 7.08 -10.09 -41.39
N LEU D 136 7.24 -10.65 -42.60
CA LEU D 136 6.88 -9.93 -43.83
C LEU D 136 5.82 -10.62 -44.67
N LEU D 137 5.96 -11.93 -44.87
CA LEU D 137 5.20 -12.61 -45.92
C LEU D 137 3.69 -12.62 -45.65
N GLU D 138 3.27 -13.18 -44.52
CA GLU D 138 1.84 -13.20 -44.19
C GLU D 138 1.26 -11.81 -43.99
N GLU D 139 2.05 -10.92 -43.38
CA GLU D 139 1.65 -9.53 -43.15
C GLU D 139 1.33 -8.81 -44.43
N THR D 140 2.18 -9.04 -45.45
CA THR D 140 2.03 -8.42 -46.75
C THR D 140 0.78 -8.94 -47.46
N ILE D 141 0.64 -10.26 -47.48
CA ILE D 141 -0.53 -10.93 -47.98
C ILE D 141 -1.82 -10.34 -47.38
N ASN D 142 -1.81 -10.07 -46.08
CA ASN D 142 -3.03 -9.57 -45.42
C ASN D 142 -3.33 -8.12 -45.77
N LEU D 143 -2.30 -7.28 -45.84
CA LEU D 143 -2.44 -5.87 -46.23
C LEU D 143 -2.95 -5.73 -47.66
N LEU D 144 -2.42 -6.55 -48.57
CA LEU D 144 -2.91 -6.64 -49.95
C LEU D 144 -4.39 -6.91 -50.05
N GLU D 145 -4.84 -7.96 -49.36
CA GLU D 145 -6.24 -8.34 -49.35
C GLU D 145 -7.12 -7.29 -48.70
N ASP D 146 -6.67 -6.72 -47.58
CA ASP D 146 -7.54 -5.87 -46.74
C ASP D 146 -7.61 -4.43 -47.19
N ASN D 147 -6.60 -3.96 -47.90
CA ASN D 147 -6.53 -2.52 -48.23
C ASN D 147 -6.76 -2.13 -49.70
N GLY D 148 -7.38 -3.03 -50.47
CA GLY D 148 -7.82 -2.68 -51.81
C GLY D 148 -6.72 -2.70 -52.86
N TRP D 149 -5.63 -3.43 -52.61
CA TRP D 149 -4.51 -3.51 -53.56
C TRP D 149 -4.71 -4.48 -54.73
N LEU D 150 -5.79 -5.26 -54.67
CA LEU D 150 -5.99 -6.34 -55.63
C LEU D 150 -7.25 -6.13 -56.41
N ALA D 151 -7.15 -6.34 -57.72
CA ALA D 151 -8.33 -6.42 -58.57
C ALA D 151 -9.08 -7.72 -58.29
N ASP D 152 -10.34 -7.79 -58.72
CA ASP D 152 -11.07 -9.04 -58.84
CA ASP D 152 -11.07 -9.06 -58.85
C ASP D 152 -10.19 -9.97 -59.70
N GLU D 153 -9.95 -11.18 -59.23
CA GLU D 153 -9.13 -12.18 -59.95
C GLU D 153 -7.65 -11.81 -60.11
N ALA D 154 -7.14 -10.99 -59.20
CA ALA D 154 -5.71 -10.68 -59.16
C ALA D 154 -4.89 -11.98 -58.98
N LEU D 155 -3.68 -11.98 -59.54
CA LEU D 155 -2.68 -13.03 -59.33
C LEU D 155 -1.55 -12.51 -58.45
N ILE D 156 -1.23 -13.27 -57.40
CA ILE D 156 -0.15 -12.90 -56.49
C ILE D 156 0.97 -13.95 -56.49
N TYR D 157 2.16 -13.49 -56.82
CA TYR D 157 3.33 -14.36 -56.85
C TYR D 157 3.97 -14.31 -55.46
N VAL D 158 4.17 -15.49 -54.88
CA VAL D 158 4.71 -15.63 -53.55
C VAL D 158 5.88 -16.60 -53.63
N GLU D 159 7.03 -16.19 -53.11
CA GLU D 159 8.22 -17.01 -53.07
C GLU D 159 8.58 -17.30 -51.58
N SER D 160 8.86 -18.56 -51.26
CA SER D 160 9.08 -18.93 -49.89
C SER D 160 9.83 -20.24 -49.79
N GLU D 161 10.72 -20.36 -48.80
CA GLU D 161 11.45 -21.61 -48.60
C GLU D 161 10.48 -22.73 -48.25
N VAL D 162 10.68 -23.88 -48.87
CA VAL D 162 9.87 -25.11 -48.67
C VAL D 162 9.68 -25.42 -47.19
N GLU D 163 10.76 -25.27 -46.43
CA GLU D 163 10.77 -25.50 -44.98
C GLU D 163 9.63 -24.78 -44.24
N ASN D 164 9.27 -23.60 -44.73
CA ASN D 164 8.21 -22.78 -44.14
C ASN D 164 6.81 -23.39 -44.22
N GLY D 165 6.60 -24.33 -45.14
CA GLY D 165 5.25 -24.80 -45.46
C GLY D 165 4.42 -23.79 -46.24
N LEU D 166 3.14 -24.11 -46.47
CA LEU D 166 2.25 -23.23 -47.24
C LEU D 166 1.92 -21.98 -46.44
N PRO D 167 2.01 -20.79 -47.09
CA PRO D 167 1.62 -19.62 -46.29
C PRO D 167 0.11 -19.56 -46.02
N THR D 168 -0.26 -18.93 -44.91
CA THR D 168 -1.64 -18.59 -44.63
C THR D 168 -2.07 -17.47 -45.57
N VAL D 169 -3.13 -17.76 -46.33
CA VAL D 169 -3.69 -16.82 -47.29
C VAL D 169 -5.14 -16.62 -46.89
N PRO D 170 -5.79 -15.51 -47.32
CA PRO D 170 -7.22 -15.37 -47.01
C PRO D 170 -8.06 -16.44 -47.72
N ALA D 171 -9.30 -16.64 -47.27
CA ALA D 171 -10.16 -17.67 -47.83
C ALA D 171 -10.45 -17.50 -49.32
N ASN D 172 -10.46 -16.26 -49.80
CA ASN D 172 -10.73 -16.02 -51.23
C ASN D 172 -9.50 -16.11 -52.12
N TRP D 173 -8.41 -16.66 -51.59
CA TRP D 173 -7.23 -16.96 -52.41
C TRP D 173 -7.14 -18.46 -52.61
N SER D 174 -6.85 -18.87 -53.84
CA SER D 174 -6.56 -20.27 -54.08
C SER D 174 -5.23 -20.43 -54.78
N LEU D 175 -4.49 -21.45 -54.37
CA LEU D 175 -3.23 -21.80 -54.99
C LEU D 175 -3.45 -22.12 -56.46
N HIS D 176 -2.83 -21.35 -57.34
CA HIS D 176 -3.08 -21.41 -58.77
C HIS D 176 -1.99 -22.15 -59.55
N ARG D 177 -0.73 -21.83 -59.28
CA ARG D 177 0.43 -22.52 -59.87
C ARG D 177 1.47 -22.71 -58.78
N GLU D 178 2.28 -23.75 -58.92
CA GLU D 178 3.32 -24.05 -57.94
C GLU D 178 4.52 -24.74 -58.59
N LYS D 179 5.70 -24.26 -58.30
CA LYS D 179 6.91 -24.96 -58.66
C LYS D 179 7.82 -25.01 -57.47
N VAL D 180 8.43 -26.17 -57.24
CA VAL D 180 9.46 -26.33 -56.22
C VAL D 180 10.79 -26.67 -56.90
N ALA D 181 11.81 -25.88 -56.63
CA ALA D 181 13.18 -26.07 -57.13
C ALA D 181 14.16 -25.68 -56.03
N GLY D 182 15.01 -26.63 -55.65
CA GLY D 182 15.91 -26.42 -54.51
C GLY D 182 15.14 -26.44 -53.19
N GLN D 183 15.47 -25.49 -52.33
CA GLN D 183 14.74 -25.35 -51.08
C GLN D 183 13.60 -24.33 -51.20
N VAL D 184 13.18 -24.01 -52.42
CA VAL D 184 12.24 -22.88 -52.58
C VAL D 184 10.94 -23.27 -53.28
N ALA D 185 9.83 -22.76 -52.75
CA ALA D 185 8.52 -22.90 -53.38
C ALA D 185 8.17 -21.59 -54.03
N TYR D 186 7.85 -21.67 -55.32
CA TYR D 186 7.47 -20.52 -56.11
C TYR D 186 6.01 -20.76 -56.43
N ARG D 187 5.12 -19.88 -55.97
CA ARG D 187 3.67 -20.12 -56.06
C ARG D 187 2.97 -18.90 -56.66
N LEU D 188 1.87 -19.16 -57.35
CA LEU D 188 1.01 -18.09 -57.86
C LEU D 188 -0.37 -18.32 -57.25
N TYR D 189 -0.94 -17.30 -56.61
CA TYR D 189 -2.28 -17.41 -56.05
C TYR D 189 -3.25 -16.63 -56.92
N GLN D 190 -4.47 -17.14 -57.07
CA GLN D 190 -5.52 -16.36 -57.68
C GLN D 190 -6.58 -15.97 -56.66
N ARG D 191 -6.90 -14.68 -56.69
CA ARG D 191 -7.88 -14.10 -55.81
C ARG D 191 -9.24 -14.04 -56.49
N GLU D 192 -10.29 -14.15 -55.69
CA GLU D 192 -11.64 -13.85 -56.17
C GLU D 192 -12.21 -12.78 -55.27
N ALA D 193 -12.59 -11.64 -55.84
CA ALA D 193 -13.17 -10.54 -55.06
C ALA D 193 -14.23 -11.05 -54.08
N GLN D 194 -13.77 -11.31 -52.85
CA GLN D 194 -14.45 -12.13 -51.83
C GLN D 194 -15.39 -13.22 -52.38
N GLY E 12 11.27 11.24 -21.43
CA GLY E 12 12.07 10.48 -22.44
C GLY E 12 12.26 11.22 -23.74
N GLN E 13 13.52 11.34 -24.16
CA GLN E 13 13.86 12.00 -25.42
C GLN E 13 15.15 11.41 -25.96
N ILE E 14 15.22 11.25 -27.27
CA ILE E 14 16.46 10.90 -27.95
C ILE E 14 16.80 12.07 -28.88
N ARG E 15 18.08 12.38 -29.02
CA ARG E 15 18.51 13.46 -29.93
C ARG E 15 19.51 12.97 -30.96
N ILE E 16 19.24 13.22 -32.24
CA ILE E 16 20.19 12.81 -33.30
C ILE E 16 21.41 13.72 -33.33
N ILE E 17 22.59 13.10 -33.41
CA ILE E 17 23.89 13.79 -33.27
C ILE E 17 24.39 14.36 -34.60
N GLY E 18 24.46 13.52 -35.63
CA GLY E 18 24.97 13.99 -36.91
C GLY E 18 23.98 13.71 -38.03
N GLY E 19 24.42 14.04 -39.25
CA GLY E 19 23.68 13.74 -40.46
C GLY E 19 22.57 14.72 -40.80
N GLN E 20 21.65 14.26 -41.64
CA GLN E 20 20.61 15.11 -42.21
C GLN E 20 19.59 15.54 -41.14
N TRP E 21 19.50 14.78 -40.05
CA TRP E 21 18.59 15.13 -38.95
C TRP E 21 19.35 15.63 -37.72
N ARG E 22 20.61 16.04 -37.92
CA ARG E 22 21.45 16.54 -36.83
C ARG E 22 20.66 17.51 -35.93
N GLY E 23 20.72 17.26 -34.63
CA GLY E 23 20.05 18.13 -33.66
C GLY E 23 18.56 17.92 -33.42
N ARG E 24 17.93 16.96 -34.11
CA ARG E 24 16.48 16.76 -33.95
C ARG E 24 16.20 15.89 -32.73
N LYS E 25 15.16 16.24 -31.99
CA LYS E 25 14.76 15.50 -30.80
C LYS E 25 13.45 14.76 -31.01
N LEU E 26 13.42 13.51 -30.56
CA LEU E 26 12.28 12.62 -30.74
C LEU E 26 11.85 12.04 -29.41
N PRO E 27 10.52 12.02 -29.16
CA PRO E 27 9.99 11.43 -27.93
C PRO E 27 10.21 9.92 -27.87
N VAL E 28 10.50 9.40 -26.67
CA VAL E 28 10.53 7.95 -26.42
C VAL E 28 9.75 7.55 -25.14
N PRO E 29 9.27 6.29 -25.07
CA PRO E 29 8.53 5.91 -23.87
C PRO E 29 9.41 5.94 -22.62
N ASP E 30 8.77 6.01 -21.45
CA ASP E 30 9.48 5.89 -20.18
C ASP E 30 9.69 4.41 -19.84
N SER E 31 10.43 3.71 -20.70
CA SER E 31 10.77 2.31 -20.49
C SER E 31 12.10 2.21 -19.74
N PRO E 32 12.17 1.32 -18.73
CA PRO E 32 13.45 1.09 -18.07
C PRO E 32 14.19 -0.10 -18.72
N THR E 38 24.05 6.22 -24.73
CA THR E 38 24.50 7.61 -24.52
C THR E 38 24.98 8.24 -25.80
N ASP E 39 24.92 9.57 -25.85
CA ASP E 39 25.51 10.34 -26.95
C ASP E 39 26.95 9.93 -27.28
N ARG E 40 27.79 9.73 -26.25
CA ARG E 40 29.23 9.48 -26.45
C ARG E 40 29.57 8.11 -27.04
N VAL E 41 28.88 7.09 -26.58
CA VAL E 41 28.89 5.77 -27.20
C VAL E 41 28.58 5.92 -28.69
N ARG E 42 27.45 6.54 -28.98
CA ARG E 42 27.05 6.83 -30.35
C ARG E 42 28.03 7.66 -31.18
N GLU E 43 28.61 8.72 -30.60
CA GLU E 43 29.58 9.56 -31.34
C GLU E 43 30.81 8.72 -31.72
N THR E 44 31.36 7.99 -30.75
CA THR E 44 32.48 7.05 -31.00
C THR E 44 32.23 6.09 -32.13
N LEU E 45 31.12 5.35 -32.05
CA LEU E 45 30.79 4.33 -33.02
C LEU E 45 30.67 4.93 -34.41
N PHE E 46 29.90 5.99 -34.54
CA PHE E 46 29.70 6.61 -35.84
C PHE E 46 30.94 7.33 -36.38
N ASN E 47 31.86 7.72 -35.49
CA ASN E 47 33.19 8.16 -35.89
C ASN E 47 33.89 6.97 -36.54
N TRP E 48 33.86 5.82 -35.87
CA TRP E 48 34.47 4.61 -36.43
C TRP E 48 33.86 4.23 -37.81
N LEU E 49 32.55 4.42 -37.98
CA LEU E 49 31.86 4.03 -39.22
C LEU E 49 31.79 5.10 -40.29
N ALA E 50 32.31 6.29 -40.02
CA ALA E 50 32.13 7.43 -40.93
C ALA E 50 32.53 7.07 -42.39
N PRO E 51 33.65 6.34 -42.58
CA PRO E 51 33.92 6.09 -44.00
C PRO E 51 33.15 4.97 -44.69
N VAL E 52 32.34 4.20 -43.96
CA VAL E 52 31.53 3.15 -44.57
C VAL E 52 29.99 3.31 -44.38
N ILE E 53 29.55 4.27 -43.58
CA ILE E 53 28.10 4.38 -43.24
C ILE E 53 27.18 4.77 -44.44
N VAL E 54 27.67 5.60 -45.35
CA VAL E 54 26.80 6.04 -46.46
C VAL E 54 26.45 4.88 -47.37
N ASP E 55 25.15 4.74 -47.64
CA ASP E 55 24.58 3.70 -48.49
C ASP E 55 24.75 2.30 -47.91
N ALA E 56 25.04 2.21 -46.61
CA ALA E 56 25.15 0.90 -45.95
C ALA E 56 23.76 0.33 -45.67
N GLN E 57 23.66 -1.00 -45.65
CA GLN E 57 22.46 -1.71 -45.25
C GLN E 57 22.65 -2.18 -43.81
N CYS E 58 21.80 -1.69 -42.90
CA CYS E 58 22.00 -1.88 -41.46
C CYS E 58 20.93 -2.74 -40.84
N LEU E 59 21.37 -3.60 -39.93
CA LEU E 59 20.49 -4.34 -39.07
C LEU E 59 20.79 -4.03 -37.60
N ASP E 60 19.78 -3.60 -36.86
CA ASP E 60 19.91 -3.40 -35.45
C ASP E 60 19.10 -4.47 -34.73
N CYS E 61 19.80 -5.37 -34.03
CA CYS E 61 19.17 -6.56 -33.46
C CYS E 61 18.37 -6.29 -32.19
N PHE E 62 18.76 -5.25 -31.46
CA PHE E 62 18.06 -4.84 -30.22
C PHE E 62 17.98 -3.31 -30.28
N ALA E 63 17.01 -2.83 -31.05
CA ALA E 63 17.02 -1.44 -31.54
C ALA E 63 16.60 -0.41 -30.47
N GLY E 64 15.83 -0.86 -29.48
CA GLY E 64 15.38 0.01 -28.38
C GLY E 64 14.70 1.22 -28.98
N SER E 65 15.06 2.41 -28.51
CA SER E 65 14.43 3.58 -29.09
C SER E 65 15.04 4.08 -30.42
N GLY E 66 15.95 3.29 -30.98
CA GLY E 66 16.51 3.54 -32.29
C GLY E 66 17.67 4.50 -32.26
N ALA E 67 18.28 4.74 -31.10
CA ALA E 67 19.48 5.60 -31.04
C ALA E 67 20.49 5.29 -32.16
N LEU E 68 20.76 4.00 -32.39
CA LEU E 68 21.79 3.58 -33.34
C LEU E 68 21.22 3.54 -34.77
N GLY E 69 20.02 2.98 -34.92
CA GLY E 69 19.35 2.92 -36.20
C GLY E 69 19.01 4.28 -36.77
N LEU E 70 18.43 5.16 -35.95
CA LEU E 70 18.10 6.49 -36.43
C LEU E 70 19.34 7.32 -36.78
N GLU E 71 20.39 7.17 -35.99
CA GLU E 71 21.67 7.82 -36.28
C GLU E 71 22.24 7.31 -37.62
N ALA E 72 22.21 5.99 -37.87
CA ALA E 72 22.68 5.44 -39.17
C ALA E 72 21.96 6.06 -40.38
N LEU E 73 20.63 6.08 -40.30
CA LEU E 73 19.77 6.68 -41.31
C LEU E 73 20.05 8.17 -41.50
N SER E 74 20.16 8.90 -40.40
CA SER E 74 20.51 10.33 -40.46
C SER E 74 21.79 10.53 -41.25
N ARG E 75 22.74 9.60 -41.09
CA ARG E 75 24.05 9.68 -41.71
C ARG E 75 24.10 8.94 -43.04
N TYR E 76 22.91 8.81 -43.65
CA TYR E 76 22.74 8.38 -45.04
C TYR E 76 22.96 6.90 -45.32
N ALA E 77 22.79 6.05 -44.31
CA ALA E 77 22.69 4.63 -44.59
C ALA E 77 21.55 4.49 -45.63
N ALA E 78 21.70 3.51 -46.52
CA ALA E 78 20.74 3.20 -47.56
C ALA E 78 19.45 2.73 -46.94
N GLY E 79 19.55 1.95 -45.85
CA GLY E 79 18.36 1.32 -45.22
C GLY E 79 18.69 0.71 -43.87
N ALA E 80 17.66 0.49 -43.06
CA ALA E 80 17.86 -0.13 -41.76
C ALA E 80 16.67 -0.99 -41.41
N THR E 81 16.96 -2.22 -40.99
CA THR E 81 15.96 -3.09 -40.35
C THR E 81 16.20 -3.06 -38.84
N LEU E 82 15.16 -2.68 -38.10
CA LEU E 82 15.25 -2.46 -36.65
C LEU E 82 14.37 -3.46 -35.89
N ILE E 83 14.99 -4.25 -35.03
CA ILE E 83 14.29 -5.33 -34.33
C ILE E 83 14.20 -4.94 -32.87
N GLU E 84 12.98 -4.88 -32.34
CA GLU E 84 12.81 -4.48 -30.94
C GLU E 84 11.68 -5.32 -30.31
N MSE E 85 11.96 -5.92 -29.14
CA MSE E 85 11.00 -6.79 -28.46
CA MSE E 85 11.03 -6.81 -28.44
C MSE E 85 9.89 -6.08 -27.71
O MSE E 85 8.77 -6.57 -27.67
CB MSE E 85 11.71 -7.80 -27.54
CB MSE E 85 11.80 -7.69 -27.45
CG MSE E 85 10.83 -8.98 -27.18
CG MSE E 85 11.01 -8.85 -26.86
SE MSE E 85 11.70 -10.05 -25.81
SE MSE E 85 11.68 -9.34 -25.08
CE MSE E 85 10.97 -9.09 -24.06
CE MSE E 85 10.91 -10.78 -24.88
N ASP E 86 10.20 -4.93 -27.12
CA ASP E 86 9.22 -4.13 -26.36
C ASP E 86 8.22 -3.50 -27.36
N ARG E 87 6.96 -3.87 -27.21
CA ARG E 87 5.89 -3.40 -28.09
C ARG E 87 5.69 -1.88 -27.99
N ALA E 88 5.70 -1.32 -26.78
CA ALA E 88 5.57 0.15 -26.60
C ALA E 88 6.73 0.92 -27.26
N VAL E 89 7.94 0.40 -27.11
CA VAL E 89 9.12 0.99 -27.72
C VAL E 89 9.08 0.87 -29.26
N SER E 90 8.76 -0.30 -29.77
CA SER E 90 8.74 -0.48 -31.22
C SER E 90 7.63 0.40 -31.86
N GLN E 91 6.49 0.57 -31.18
CA GLN E 91 5.44 1.44 -31.72
CA GLN E 91 5.41 1.46 -31.66
C GLN E 91 5.87 2.92 -31.77
N GLN E 92 6.58 3.39 -30.75
CA GLN E 92 7.10 4.75 -30.78
C GLN E 92 8.20 4.95 -31.85
N LEU E 93 8.97 3.91 -32.07
CA LEU E 93 10.00 3.93 -33.11
C LEU E 93 9.36 4.11 -34.50
N ILE E 94 8.29 3.38 -34.76
CA ILE E 94 7.52 3.55 -36.01
C ILE E 94 7.01 5.00 -36.16
N LYS E 95 6.49 5.56 -35.06
CA LYS E 95 6.02 6.94 -35.06
C LYS E 95 7.16 7.92 -35.30
N ASN E 96 8.33 7.65 -34.71
CA ASN E 96 9.46 8.55 -34.87
C ASN E 96 9.99 8.50 -36.32
N LEU E 97 10.00 7.32 -36.92
CA LEU E 97 10.33 7.18 -38.34
C LEU E 97 9.36 7.97 -39.23
N ALA E 98 8.07 7.96 -38.89
CA ALA E 98 7.06 8.74 -39.64
C ALA E 98 7.30 10.25 -39.52
N THR E 99 7.59 10.70 -38.29
CA THR E 99 7.94 12.09 -38.00
C THR E 99 9.13 12.57 -38.84
N LEU E 100 10.12 11.70 -38.95
CA LEU E 100 11.33 11.96 -39.69
C LEU E 100 11.17 11.78 -41.19
N LYS E 101 10.05 11.20 -41.61
CA LYS E 101 9.77 10.90 -43.03
C LYS E 101 10.79 9.93 -43.61
N ALA E 102 11.25 9.00 -42.77
CA ALA E 102 12.23 8.03 -43.17
C ALA E 102 11.50 6.80 -43.72
N GLY E 103 11.44 6.65 -45.04
CA GLY E 103 10.76 5.48 -45.63
C GLY E 103 11.67 4.24 -45.73
N ASN E 104 12.98 4.50 -45.70
CA ASN E 104 14.00 3.47 -45.91
C ASN E 104 14.35 2.69 -44.61
N ALA E 105 13.34 2.32 -43.84
CA ALA E 105 13.54 1.51 -42.65
C ALA E 105 12.31 0.68 -42.40
N ARG E 106 12.47 -0.35 -41.58
CA ARG E 106 11.35 -1.11 -41.06
C ARG E 106 11.61 -1.50 -39.61
N VAL E 107 10.54 -1.66 -38.85
CA VAL E 107 10.58 -2.07 -37.46
C VAL E 107 9.88 -3.46 -37.32
N VAL E 108 10.58 -4.44 -36.79
CA VAL E 108 9.99 -5.75 -36.56
C VAL E 108 9.90 -5.87 -35.02
N ASN E 109 8.69 -6.01 -34.52
CA ASN E 109 8.50 -6.21 -33.10
C ASN E 109 8.71 -7.70 -32.85
N SER E 110 9.95 -8.05 -32.48
CA SER E 110 10.33 -9.44 -32.22
C SER E 110 11.56 -9.46 -31.28
N ASN E 111 11.73 -10.54 -30.51
CA ASN E 111 13.05 -10.80 -29.90
C ASN E 111 14.02 -11.19 -31.05
N ALA E 112 15.32 -10.96 -30.85
CA ALA E 112 16.32 -11.19 -31.91
C ALA E 112 16.49 -12.65 -32.27
N MSE E 113 16.39 -13.54 -31.29
CA MSE E 113 16.57 -14.98 -31.54
C MSE E 113 15.56 -15.62 -32.42
O MSE E 113 15.91 -16.50 -33.24
CB MSE E 113 16.59 -15.72 -30.23
CG MSE E 113 17.53 -15.03 -29.34
SE MSE E 113 19.14 -15.98 -29.24
CE MSE E 113 18.85 -16.29 -27.52
N SER E 114 14.28 -15.26 -32.21
CA SER E 114 13.23 -15.74 -33.09
C SER E 114 13.40 -15.10 -34.47
N PHE E 115 13.70 -13.79 -34.51
CA PHE E 115 13.77 -13.09 -35.79
C PHE E 115 14.88 -13.60 -36.67
N LEU E 116 16.03 -13.85 -36.04
CA LEU E 116 17.25 -14.24 -36.72
C LEU E 116 17.30 -15.75 -37.05
N ALA E 117 16.41 -16.54 -36.47
CA ALA E 117 16.37 -17.99 -36.78
C ALA E 117 15.53 -18.31 -38.04
N GLN E 118 15.99 -17.81 -39.19
CA GLN E 118 15.36 -18.04 -40.50
C GLN E 118 16.36 -17.60 -41.55
N LYS E 119 16.10 -17.93 -42.82
CA LYS E 119 16.96 -17.51 -43.92
C LYS E 119 16.96 -15.97 -43.96
N GLY E 120 18.13 -15.37 -43.87
CA GLY E 120 18.22 -13.91 -43.79
C GLY E 120 18.56 -13.19 -45.08
N THR E 121 18.79 -11.89 -44.95
CA THR E 121 19.21 -11.05 -46.05
C THR E 121 20.51 -10.36 -45.57
N PRO E 122 21.51 -10.18 -46.47
CA PRO E 122 22.83 -9.60 -46.03
C PRO E 122 22.83 -8.10 -45.73
N HIS E 123 23.50 -7.75 -44.63
CA HIS E 123 23.74 -6.36 -44.21
C HIS E 123 25.24 -6.15 -44.07
N ASN E 124 25.74 -4.98 -44.39
CA ASN E 124 27.16 -4.78 -44.15
C ASN E 124 27.50 -4.06 -42.88
N ILE E 125 26.48 -3.54 -42.18
CA ILE E 125 26.64 -3.01 -40.82
C ILE E 125 25.54 -3.59 -39.89
N VAL E 126 25.93 -4.24 -38.80
CA VAL E 126 25.00 -4.80 -37.82
C VAL E 126 25.30 -4.33 -36.42
N PHE E 127 24.26 -3.99 -35.64
CA PHE E 127 24.41 -3.54 -34.27
C PHE E 127 23.87 -4.60 -33.31
N VAL E 128 24.72 -4.99 -32.35
CA VAL E 128 24.46 -6.04 -31.38
C VAL E 128 24.82 -5.53 -29.96
N ASP E 129 23.82 -4.91 -29.36
CA ASP E 129 23.90 -4.49 -27.99
C ASP E 129 22.68 -5.09 -27.25
N PRO E 130 22.79 -6.34 -26.78
CA PRO E 130 21.64 -6.91 -26.09
C PRO E 130 21.39 -6.32 -24.69
N PRO E 131 20.16 -6.49 -24.13
CA PRO E 131 19.88 -5.91 -22.81
C PRO E 131 20.63 -6.63 -21.67
N PHE E 132 21.03 -7.86 -21.93
CA PHE E 132 21.83 -8.66 -21.04
C PHE E 132 22.51 -9.68 -21.98
N ARG E 133 23.62 -10.25 -21.57
CA ARG E 133 24.42 -11.03 -22.52
C ARG E 133 24.21 -12.55 -22.37
N ARG E 134 24.01 -13.04 -21.17
CA ARG E 134 23.86 -14.48 -20.99
C ARG E 134 22.52 -14.95 -21.53
N GLY E 135 22.58 -15.89 -22.47
CA GLY E 135 21.38 -16.35 -23.14
C GLY E 135 21.17 -15.66 -24.47
N LEU E 136 21.90 -14.56 -24.73
CA LEU E 136 21.65 -13.76 -25.93
C LEU E 136 22.82 -13.53 -26.87
N LEU E 137 23.99 -13.21 -26.32
CA LEU E 137 25.00 -12.55 -27.14
C LEU E 137 25.68 -13.54 -28.10
N GLU E 138 26.15 -14.66 -27.54
CA GLU E 138 26.84 -15.66 -28.34
C GLU E 138 25.87 -16.25 -29.36
N GLU E 139 24.64 -16.49 -28.93
CA GLU E 139 23.60 -17.01 -29.78
C GLU E 139 23.28 -16.09 -30.99
N THR E 140 23.22 -14.78 -30.75
CA THR E 140 22.91 -13.76 -31.78
C THR E 140 24.02 -13.73 -32.82
N ILE E 141 25.26 -13.65 -32.35
CA ILE E 141 26.43 -13.70 -33.21
C ILE E 141 26.39 -14.95 -34.15
N ASN E 142 26.13 -16.11 -33.58
CA ASN E 142 26.03 -17.35 -34.36
C ASN E 142 24.89 -17.33 -35.38
N LEU E 143 23.73 -16.84 -34.98
CA LEU E 143 22.60 -16.75 -35.90
C LEU E 143 22.89 -15.77 -37.07
N LEU E 144 23.50 -14.63 -36.77
CA LEU E 144 23.90 -13.69 -37.81
C LEU E 144 24.81 -14.38 -38.82
N GLU E 145 25.80 -15.11 -38.32
CA GLU E 145 26.75 -15.79 -39.20
C GLU E 145 26.14 -16.94 -40.03
N ASP E 146 25.31 -17.77 -39.40
CA ASP E 146 24.87 -19.02 -40.00
C ASP E 146 23.72 -18.81 -40.97
N ASN E 147 22.95 -17.75 -40.79
CA ASN E 147 21.68 -17.58 -41.53
C ASN E 147 21.69 -16.51 -42.62
N GLY E 148 22.88 -16.04 -42.98
CA GLY E 148 23.02 -15.16 -44.16
C GLY E 148 22.64 -13.71 -43.93
N TRP E 149 22.75 -13.24 -42.69
CA TRP E 149 22.40 -11.85 -42.31
C TRP E 149 23.54 -10.87 -42.60
N LEU E 150 24.71 -11.40 -42.95
CA LEU E 150 25.91 -10.62 -43.13
C LEU E 150 26.35 -10.61 -44.58
N ALA E 151 26.62 -9.43 -45.12
CA ALA E 151 27.33 -9.29 -46.42
C ALA E 151 28.72 -9.93 -46.42
N ASP E 152 29.24 -10.19 -47.63
CA ASP E 152 30.55 -10.83 -47.84
C ASP E 152 31.63 -10.07 -47.10
N GLU E 153 31.47 -8.75 -47.03
CA GLU E 153 32.24 -7.84 -46.20
C GLU E 153 31.29 -7.06 -45.30
N ALA E 154 31.44 -7.21 -43.99
CA ALA E 154 30.52 -6.69 -42.99
C ALA E 154 31.25 -6.23 -41.72
N LEU E 155 30.64 -5.27 -41.02
CA LEU E 155 31.14 -4.82 -39.72
C LEU E 155 30.07 -5.00 -38.69
N ILE E 156 30.43 -5.63 -37.58
CA ILE E 156 29.41 -5.91 -36.57
C ILE E 156 29.85 -5.20 -35.30
N TYR E 157 29.00 -4.30 -34.84
CA TYR E 157 29.21 -3.68 -33.53
C TYR E 157 28.66 -4.59 -32.42
N VAL E 158 29.47 -4.81 -31.38
CA VAL E 158 29.10 -5.66 -30.25
C VAL E 158 29.46 -4.90 -28.98
N GLU E 159 28.48 -4.67 -28.12
CA GLU E 159 28.72 -4.09 -26.80
C GLU E 159 28.54 -5.20 -25.74
N SER E 160 29.49 -5.34 -24.82
CA SER E 160 29.41 -6.31 -23.70
C SER E 160 30.22 -5.91 -22.47
N GLU E 161 29.84 -6.44 -21.31
CA GLU E 161 30.54 -6.18 -20.05
C GLU E 161 31.92 -6.87 -20.04
N VAL E 162 32.95 -6.16 -19.57
CA VAL E 162 34.29 -6.77 -19.39
C VAL E 162 34.32 -7.75 -18.19
N GLU E 163 33.49 -7.49 -17.16
CA GLU E 163 33.27 -8.47 -16.06
C GLU E 163 33.03 -9.90 -16.62
N ASN E 164 31.87 -10.10 -17.24
CA ASN E 164 31.63 -11.27 -18.09
C ASN E 164 32.70 -11.29 -19.19
N GLY E 165 32.99 -12.46 -19.76
CA GLY E 165 34.08 -12.57 -20.77
C GLY E 165 33.79 -11.82 -22.05
N LEU E 166 34.72 -11.83 -23.00
CA LEU E 166 34.37 -11.36 -24.34
C LEU E 166 33.62 -12.50 -25.06
N PRO E 167 32.75 -12.13 -26.04
CA PRO E 167 32.02 -13.15 -26.76
C PRO E 167 32.99 -13.91 -27.62
N THR E 168 32.74 -15.19 -27.86
CA THR E 168 33.54 -15.80 -28.91
C THR E 168 32.79 -15.48 -30.19
N VAL E 169 33.56 -15.36 -31.27
CA VAL E 169 33.04 -15.08 -32.59
C VAL E 169 33.50 -16.16 -33.58
N PRO E 170 32.75 -16.35 -34.68
CA PRO E 170 33.24 -17.30 -35.70
C PRO E 170 34.65 -16.94 -36.26
N ALA E 171 35.27 -17.91 -36.93
CA ALA E 171 36.65 -17.82 -37.39
C ALA E 171 36.90 -16.73 -38.43
N ASN E 172 35.83 -16.39 -39.16
CA ASN E 172 35.90 -15.43 -40.24
C ASN E 172 35.54 -14.00 -39.78
N TRP E 173 35.37 -13.83 -38.47
CA TRP E 173 35.24 -12.53 -37.86
C TRP E 173 36.58 -12.20 -37.21
N SER E 174 37.00 -10.96 -37.26
CA SER E 174 38.20 -10.56 -36.54
C SER E 174 38.05 -9.13 -36.02
N LEU E 175 38.72 -8.85 -34.90
CA LEU E 175 38.59 -7.59 -34.18
C LEU E 175 39.07 -6.40 -35.03
N HIS E 176 38.22 -5.40 -35.20
CA HIS E 176 38.58 -4.25 -36.02
C HIS E 176 38.84 -2.98 -35.18
N ARG E 177 38.03 -2.79 -34.15
CA ARG E 177 38.11 -1.64 -33.22
C ARG E 177 37.73 -2.08 -31.85
N GLU E 178 38.31 -1.44 -30.84
CA GLU E 178 37.88 -1.65 -29.47
C GLU E 178 38.17 -0.42 -28.61
N LYS E 179 37.18 -0.08 -27.80
CA LYS E 179 37.27 0.84 -26.71
C LYS E 179 36.71 0.14 -25.48
N VAL E 180 37.47 0.19 -24.39
CA VAL E 180 36.96 -0.23 -23.08
C VAL E 180 36.81 1.00 -22.20
N ALA E 181 35.60 1.23 -21.73
CA ALA E 181 35.32 2.35 -20.83
C ALA E 181 34.46 1.81 -19.72
N GLY E 182 34.90 2.01 -18.48
CA GLY E 182 34.28 1.35 -17.34
C GLY E 182 34.37 -0.16 -17.45
N GLN E 183 33.29 -0.85 -17.14
CA GLN E 183 33.32 -2.31 -17.24
C GLN E 183 32.72 -2.77 -18.56
N VAL E 184 32.78 -1.93 -19.60
CA VAL E 184 32.14 -2.27 -20.88
C VAL E 184 33.12 -2.26 -22.06
N ALA E 185 33.11 -3.33 -22.84
CA ALA E 185 33.88 -3.39 -24.09
C ALA E 185 32.99 -3.05 -25.30
N TYR E 186 33.42 -2.03 -26.05
CA TYR E 186 32.70 -1.57 -27.26
C TYR E 186 33.51 -2.01 -28.46
N ARG E 187 33.00 -2.95 -29.26
CA ARG E 187 33.83 -3.57 -30.29
C ARG E 187 33.21 -3.49 -31.68
N LEU E 188 34.05 -3.35 -32.69
CA LEU E 188 33.66 -3.59 -34.06
C LEU E 188 34.45 -4.77 -34.60
N TYR E 189 33.74 -5.78 -35.15
CA TYR E 189 34.37 -6.89 -35.80
C TYR E 189 34.22 -6.74 -37.29
N GLN E 190 35.28 -7.13 -37.99
CA GLN E 190 35.21 -7.29 -39.43
C GLN E 190 34.89 -8.72 -39.79
N ARG E 191 33.96 -8.91 -40.71
CA ARG E 191 33.56 -10.26 -41.12
C ARG E 191 33.75 -10.43 -42.64
N GLU E 192 34.30 -11.58 -43.02
CA GLU E 192 34.54 -11.95 -44.41
C GLU E 192 33.86 -13.29 -44.70
N ALA E 193 33.23 -13.42 -45.86
CA ALA E 193 32.65 -14.69 -46.28
C ALA E 193 33.75 -15.72 -46.46
N GLN E 194 33.47 -16.97 -46.08
CA GLN E 194 34.34 -18.09 -46.49
C GLN E 194 34.04 -18.49 -47.93
N GLY F 12 -3.22 -31.49 -20.87
CA GLY F 12 -2.86 -30.23 -20.16
C GLY F 12 -3.24 -28.98 -20.96
N GLN F 13 -3.86 -28.02 -20.27
CA GLN F 13 -4.38 -26.83 -20.92
C GLN F 13 -4.50 -25.67 -19.95
N ILE F 14 -4.01 -24.49 -20.33
CA ILE F 14 -4.36 -23.25 -19.63
C ILE F 14 -5.29 -22.38 -20.48
N ARG F 15 -6.17 -21.66 -19.81
CA ARG F 15 -7.08 -20.75 -20.48
C ARG F 15 -6.77 -19.34 -20.00
N ILE F 16 -6.70 -18.41 -20.94
CA ILE F 16 -6.35 -17.02 -20.64
C ILE F 16 -7.60 -16.30 -20.12
N ILE F 17 -7.47 -15.56 -19.02
CA ILE F 17 -8.66 -15.00 -18.34
C ILE F 17 -9.10 -13.64 -18.86
N GLY F 18 -8.16 -12.73 -19.09
CA GLY F 18 -8.49 -11.37 -19.53
C GLY F 18 -7.58 -10.87 -20.64
N GLY F 19 -7.84 -9.64 -21.08
CA GLY F 19 -7.01 -8.97 -22.07
C GLY F 19 -7.39 -9.41 -23.46
N GLN F 20 -6.47 -9.21 -24.39
CA GLN F 20 -6.72 -9.46 -25.82
C GLN F 20 -6.93 -10.94 -26.16
N TRP F 21 -6.35 -11.85 -25.39
CA TRP F 21 -6.55 -13.28 -25.68
C TRP F 21 -7.53 -13.94 -24.71
N ARG F 22 -8.36 -13.12 -24.10
CA ARG F 22 -9.40 -13.58 -23.20
C ARG F 22 -10.09 -14.87 -23.69
N GLY F 23 -9.99 -15.91 -22.87
CA GLY F 23 -10.71 -17.15 -23.10
C GLY F 23 -10.05 -18.11 -24.07
N ARG F 24 -8.90 -17.72 -24.62
CA ARG F 24 -8.13 -18.62 -25.48
C ARG F 24 -7.43 -19.71 -24.68
N LYS F 25 -7.37 -20.90 -25.26
CA LYS F 25 -6.92 -22.10 -24.58
C LYS F 25 -5.68 -22.66 -25.27
N LEU F 26 -4.63 -22.86 -24.47
CA LEU F 26 -3.34 -23.31 -25.00
C LEU F 26 -2.87 -24.62 -24.38
N PRO F 27 -2.28 -25.51 -25.21
CA PRO F 27 -1.80 -26.83 -24.75
C PRO F 27 -0.52 -26.74 -23.91
N VAL F 28 -0.53 -27.40 -22.75
CA VAL F 28 0.64 -27.50 -21.87
C VAL F 28 1.03 -28.98 -21.63
N PRO F 29 2.35 -29.29 -21.50
CA PRO F 29 2.74 -30.70 -21.31
C PRO F 29 2.28 -31.23 -19.96
N GLY F 33 3.68 -27.94 -12.01
CA GLY F 33 3.06 -27.15 -13.08
C GLY F 33 1.75 -26.51 -12.68
N LEU F 34 0.89 -27.28 -12.03
CA LEU F 34 -0.47 -26.85 -11.70
C LEU F 34 -0.54 -25.84 -10.53
N ARG F 35 -1.47 -24.89 -10.64
CA ARG F 35 -1.68 -23.81 -9.65
C ARG F 35 -2.10 -24.30 -8.24
N PRO F 36 -1.50 -23.71 -7.16
CA PRO F 36 -1.58 -24.31 -5.82
C PRO F 36 -2.84 -23.98 -5.00
N THR F 37 -3.61 -22.97 -5.42
CA THR F 37 -5.02 -22.84 -5.00
C THR F 37 -5.89 -22.97 -6.24
N THR F 38 -5.40 -22.39 -7.33
CA THR F 38 -5.86 -22.43 -8.74
C THR F 38 -5.73 -21.00 -9.24
N ASP F 39 -5.86 -20.74 -10.54
CA ASP F 39 -5.71 -19.36 -11.01
C ASP F 39 -6.92 -18.40 -10.75
N ARG F 40 -7.54 -18.62 -9.58
CA ARG F 40 -7.96 -17.52 -8.70
C ARG F 40 -6.67 -16.74 -8.35
N VAL F 41 -5.54 -17.45 -8.44
CA VAL F 41 -4.20 -16.87 -8.33
C VAL F 41 -4.07 -15.71 -9.31
N ARG F 42 -4.40 -15.99 -10.58
CA ARG F 42 -4.27 -14.99 -11.64
C ARG F 42 -5.24 -13.82 -11.51
N GLU F 43 -6.48 -14.10 -11.12
CA GLU F 43 -7.47 -13.07 -10.84
C GLU F 43 -6.96 -12.15 -9.73
N THR F 44 -6.50 -12.76 -8.64
CA THR F 44 -5.97 -12.02 -7.48
C THR F 44 -4.81 -11.14 -7.92
N LEU F 45 -3.80 -11.76 -8.53
CA LEU F 45 -2.60 -11.04 -8.94
C LEU F 45 -2.83 -9.92 -9.97
N PHE F 46 -3.59 -10.22 -11.00
CA PHE F 46 -3.78 -9.27 -12.07
C PHE F 46 -4.84 -8.19 -11.73
N ASN F 47 -5.59 -8.39 -10.64
CA ASN F 47 -6.32 -7.24 -10.03
C ASN F 47 -5.37 -6.29 -9.26
N TRP F 48 -4.41 -6.85 -8.53
CA TRP F 48 -3.39 -6.00 -7.90
C TRP F 48 -2.59 -5.19 -8.95
N LEU F 49 -2.32 -5.82 -10.09
CA LEU F 49 -1.47 -5.28 -11.16
C LEU F 49 -2.20 -4.34 -12.13
N ALA F 50 -3.53 -4.30 -12.04
CA ALA F 50 -4.38 -3.60 -13.00
C ALA F 50 -3.93 -2.17 -13.35
N PRO F 51 -3.51 -1.35 -12.33
CA PRO F 51 -3.07 0.02 -12.66
C PRO F 51 -1.70 0.12 -13.33
N VAL F 52 -0.93 -0.98 -13.33
CA VAL F 52 0.45 -0.96 -13.82
C VAL F 52 0.79 -1.96 -14.93
N ILE F 53 -0.14 -2.84 -15.30
CA ILE F 53 0.13 -3.92 -16.27
C ILE F 53 0.34 -3.43 -17.72
N VAL F 54 -0.49 -2.51 -18.19
CA VAL F 54 -0.37 -1.98 -19.54
C VAL F 54 1.00 -1.28 -19.74
N ASP F 55 1.73 -1.74 -20.78
CA ASP F 55 3.08 -1.24 -21.12
C ASP F 55 4.20 -1.63 -20.13
N ALA F 56 3.90 -2.57 -19.23
CA ALA F 56 4.90 -3.06 -18.29
C ALA F 56 5.95 -3.96 -18.93
N GLN F 57 7.20 -3.76 -18.50
CA GLN F 57 8.26 -4.69 -18.80
C GLN F 57 8.30 -5.75 -17.70
N CYS F 58 8.04 -6.99 -18.10
CA CYS F 58 7.84 -8.10 -17.17
C CYS F 58 8.95 -9.13 -17.24
N LEU F 59 9.38 -9.60 -16.07
CA LEU F 59 10.29 -10.72 -15.96
C LEU F 59 9.62 -11.85 -15.17
N ASP F 60 9.55 -13.05 -15.76
CA ASP F 60 9.05 -14.21 -15.04
C ASP F 60 10.19 -15.18 -14.81
N CYS F 61 10.63 -15.26 -13.54
CA CYS F 61 11.82 -16.03 -13.16
C CYS F 61 11.64 -17.56 -13.26
N PHE F 62 10.41 -18.02 -13.11
CA PHE F 62 10.09 -19.44 -13.18
C PHE F 62 8.80 -19.56 -13.99
N ALA F 63 8.89 -19.37 -15.30
CA ALA F 63 7.70 -19.19 -16.16
C ALA F 63 6.71 -20.38 -16.22
N GLY F 64 7.18 -21.62 -16.14
CA GLY F 64 6.30 -22.80 -16.09
C GLY F 64 5.40 -22.88 -17.32
N SER F 65 4.11 -23.14 -17.06
CA SER F 65 3.02 -23.07 -18.05
C SER F 65 3.00 -21.77 -18.87
N GLY F 66 3.63 -20.72 -18.35
CA GLY F 66 3.45 -19.39 -18.92
C GLY F 66 2.14 -18.77 -18.50
N ALA F 67 1.43 -19.40 -17.55
CA ALA F 67 0.21 -18.83 -16.98
C ALA F 67 0.34 -17.35 -16.60
N LEU F 68 1.37 -16.96 -15.86
CA LEU F 68 1.49 -15.54 -15.49
C LEU F 68 1.96 -14.66 -16.66
N GLY F 69 3.06 -15.06 -17.30
CA GLY F 69 3.60 -14.40 -18.49
C GLY F 69 2.60 -14.15 -19.62
N LEU F 70 1.86 -15.20 -20.02
CA LEU F 70 0.88 -15.11 -21.09
C LEU F 70 -0.29 -14.23 -20.66
N GLU F 71 -0.69 -14.33 -19.40
CA GLU F 71 -1.73 -13.42 -18.88
C GLU F 71 -1.26 -11.95 -18.92
N ALA F 72 0.00 -11.70 -18.51
CA ALA F 72 0.59 -10.34 -18.57
C ALA F 72 0.59 -9.75 -20.01
N LEU F 73 1.12 -10.52 -20.95
CA LEU F 73 1.10 -10.16 -22.37
C LEU F 73 -0.33 -9.93 -22.89
N SER F 74 -1.26 -10.79 -22.50
CA SER F 74 -2.64 -10.60 -22.90
C SER F 74 -3.22 -9.26 -22.44
N ARG F 75 -2.85 -8.86 -21.23
CA ARG F 75 -3.30 -7.62 -20.61
C ARG F 75 -2.43 -6.38 -21.00
N TYR F 76 -1.73 -6.52 -22.13
CA TYR F 76 -1.04 -5.44 -22.84
C TYR F 76 0.26 -5.00 -22.19
N ALA F 77 0.92 -5.94 -21.50
CA ALA F 77 2.30 -5.67 -21.08
C ALA F 77 3.12 -5.36 -22.36
N ALA F 78 4.12 -4.52 -22.22
CA ALA F 78 5.00 -4.15 -23.34
C ALA F 78 5.86 -5.32 -23.79
N GLY F 79 6.31 -6.16 -22.85
CA GLY F 79 7.15 -7.31 -23.18
C GLY F 79 7.37 -8.15 -21.93
N ALA F 80 7.74 -9.42 -22.15
CA ALA F 80 8.01 -10.33 -21.03
C ALA F 80 9.22 -11.18 -21.38
N THR F 81 10.16 -11.25 -20.44
CA THR F 81 11.23 -12.20 -20.53
C THR F 81 10.85 -13.34 -19.58
N LEU F 82 10.81 -14.54 -20.15
CA LEU F 82 10.31 -15.72 -19.46
C LEU F 82 11.44 -16.73 -19.27
N ILE F 83 11.74 -17.07 -18.00
CA ILE F 83 12.85 -17.97 -17.67
C ILE F 83 12.29 -19.31 -17.19
N GLU F 84 12.74 -20.40 -17.81
CA GLU F 84 12.18 -21.71 -17.51
C GLU F 84 13.25 -22.81 -17.60
N MSE F 85 13.40 -23.58 -16.52
CA MSE F 85 14.45 -24.58 -16.47
CA MSE F 85 14.44 -24.59 -16.43
C MSE F 85 14.09 -25.84 -17.23
O MSE F 85 14.96 -26.44 -17.87
CB MSE F 85 14.80 -24.92 -15.03
CB MSE F 85 14.66 -24.98 -14.96
CG MSE F 85 16.04 -25.78 -14.91
CG MSE F 85 15.97 -25.69 -14.67
SE MSE F 85 16.39 -26.22 -13.05
SE MSE F 85 15.62 -27.46 -13.92
CE MSE F 85 15.72 -28.15 -12.83
CE MSE F 85 16.72 -27.42 -12.50
N ASP F 86 12.83 -26.24 -17.18
CA ASP F 86 12.39 -27.48 -17.80
C ASP F 86 12.40 -27.28 -19.34
N ARG F 87 13.20 -28.10 -20.02
CA ARG F 87 13.38 -28.00 -21.47
C ARG F 87 12.06 -28.26 -22.22
N ALA F 88 11.29 -29.26 -21.79
CA ALA F 88 10.02 -29.59 -22.46
C ALA F 88 8.97 -28.49 -22.26
N VAL F 89 8.95 -27.92 -21.06
CA VAL F 89 8.06 -26.81 -20.75
C VAL F 89 8.47 -25.55 -21.51
N SER F 90 9.77 -25.24 -21.53
CA SER F 90 10.23 -24.04 -22.22
C SER F 90 9.95 -24.13 -23.74
N GLN F 91 10.04 -25.32 -24.34
CA GLN F 91 9.72 -25.48 -25.77
C GLN F 91 8.25 -25.28 -26.10
N GLN F 92 7.38 -25.80 -25.25
CA GLN F 92 5.94 -25.61 -25.43
C GLN F 92 5.54 -24.16 -25.20
N LEU F 93 6.20 -23.48 -24.27
CA LEU F 93 6.01 -22.06 -24.08
C LEU F 93 6.28 -21.29 -25.37
N ILE F 94 7.40 -21.60 -26.02
CA ILE F 94 7.76 -21.03 -27.32
C ILE F 94 6.68 -21.26 -28.42
N LYS F 95 6.13 -22.47 -28.48
CA LYS F 95 5.09 -22.81 -29.44
C LYS F 95 3.80 -22.07 -29.12
N ASN F 96 3.48 -21.95 -27.85
CA ASN F 96 2.32 -21.19 -27.42
C ASN F 96 2.43 -19.71 -27.77
N LEU F 97 3.62 -19.15 -27.61
CA LEU F 97 3.88 -17.75 -28.01
C LEU F 97 3.66 -17.55 -29.52
N ALA F 98 4.13 -18.52 -30.28
CA ALA F 98 3.99 -18.50 -31.73
C ALA F 98 2.53 -18.62 -32.15
N THR F 99 1.81 -19.53 -31.49
CA THR F 99 0.36 -19.72 -31.70
C THR F 99 -0.39 -18.42 -31.45
N LEU F 100 -0.07 -17.73 -30.37
CA LEU F 100 -0.70 -16.46 -30.06
C LEU F 100 -0.14 -15.31 -30.89
N LYS F 101 0.93 -15.57 -31.64
CA LYS F 101 1.61 -14.52 -32.44
C LYS F 101 2.16 -13.37 -31.56
N ALA F 102 2.64 -13.75 -30.36
CA ALA F 102 3.19 -12.78 -29.42
C ALA F 102 4.69 -12.64 -29.67
N GLY F 103 5.07 -11.61 -30.43
CA GLY F 103 6.46 -11.33 -30.74
C GLY F 103 7.19 -10.58 -29.64
N ASN F 104 6.42 -9.96 -28.74
CA ASN F 104 6.98 -9.17 -27.64
C ASN F 104 7.36 -9.98 -26.40
N ALA F 105 8.02 -11.12 -26.61
CA ALA F 105 8.41 -12.03 -25.50
C ALA F 105 9.60 -12.85 -25.94
N ARG F 106 10.33 -13.37 -24.95
CA ARG F 106 11.42 -14.32 -25.17
C ARG F 106 11.36 -15.35 -24.05
N VAL F 107 11.77 -16.57 -24.40
CA VAL F 107 11.89 -17.67 -23.47
C VAL F 107 13.37 -17.99 -23.39
N VAL F 108 13.91 -17.97 -22.17
CA VAL F 108 15.27 -18.43 -21.94
C VAL F 108 15.18 -19.76 -21.14
N ASN F 109 15.76 -20.81 -21.68
CA ASN F 109 15.86 -22.11 -20.99
C ASN F 109 17.06 -22.13 -20.03
N SER F 110 16.81 -21.70 -18.81
CA SER F 110 17.84 -21.59 -17.77
C SER F 110 17.17 -21.72 -16.41
N ASN F 111 17.92 -22.16 -15.41
CA ASN F 111 17.47 -22.00 -14.04
C ASN F 111 17.62 -20.51 -13.70
N ALA F 112 16.87 -20.04 -12.70
CA ALA F 112 16.80 -18.60 -12.43
C ALA F 112 18.13 -18.07 -11.86
N MSE F 113 18.84 -18.89 -11.09
CA MSE F 113 20.02 -18.42 -10.39
C MSE F 113 21.21 -18.16 -11.33
O MSE F 113 21.93 -17.17 -11.14
CB MSE F 113 20.36 -19.34 -9.21
CG MSE F 113 19.35 -19.22 -8.03
SE MSE F 113 19.74 -20.32 -6.42
CE MSE F 113 20.06 -22.20 -7.43
N SER F 114 21.37 -19.01 -12.34
CA SER F 114 22.34 -18.78 -13.42
C SER F 114 22.01 -17.56 -14.25
N PHE F 115 20.76 -17.47 -14.68
CA PHE F 115 20.31 -16.35 -15.50
C PHE F 115 20.49 -14.98 -14.84
N LEU F 116 20.16 -14.90 -13.54
CA LEU F 116 20.10 -13.62 -12.81
C LEU F 116 21.45 -13.13 -12.34
N ALA F 117 22.44 -14.05 -12.33
CA ALA F 117 23.80 -13.74 -11.89
C ALA F 117 24.64 -13.21 -13.04
N GLN F 118 24.21 -12.04 -13.53
CA GLN F 118 24.89 -11.23 -14.53
C GLN F 118 24.27 -9.85 -14.41
N LYS F 119 24.86 -8.86 -15.08
CA LYS F 119 24.30 -7.52 -15.16
C LYS F 119 22.93 -7.56 -15.84
N GLY F 120 21.92 -7.10 -15.13
CA GLY F 120 20.58 -7.25 -15.58
C GLY F 120 20.05 -5.98 -16.21
N THR F 121 18.81 -6.08 -16.66
CA THR F 121 18.09 -4.95 -17.24
C THR F 121 16.79 -4.72 -16.40
N PRO F 122 16.38 -3.45 -16.20
CA PRO F 122 15.28 -3.24 -15.24
C PRO F 122 13.88 -3.58 -15.73
N HIS F 123 13.10 -4.20 -14.84
CA HIS F 123 11.70 -4.53 -15.12
C HIS F 123 10.77 -3.86 -14.10
N ASN F 124 9.59 -3.51 -14.58
CA ASN F 124 8.52 -2.90 -13.78
C ASN F 124 7.79 -3.91 -12.88
N ILE F 125 7.63 -5.11 -13.40
CA ILE F 125 6.89 -6.20 -12.76
C ILE F 125 7.70 -7.50 -12.85
N VAL F 126 7.93 -8.17 -11.72
CA VAL F 126 8.70 -9.42 -11.71
C VAL F 126 7.91 -10.53 -11.02
N PHE F 127 7.84 -11.72 -11.61
CA PHE F 127 7.12 -12.85 -11.01
C PHE F 127 8.15 -13.85 -10.45
N VAL F 128 8.00 -14.20 -9.18
CA VAL F 128 8.97 -15.07 -8.50
C VAL F 128 8.17 -16.17 -7.82
N ASP F 129 7.90 -17.23 -8.57
CA ASP F 129 7.19 -18.39 -8.06
C ASP F 129 8.07 -19.65 -8.16
N PRO F 130 9.09 -19.77 -7.28
CA PRO F 130 9.98 -20.92 -7.43
C PRO F 130 9.28 -22.26 -7.11
N PRO F 131 9.81 -23.38 -7.64
CA PRO F 131 9.22 -24.71 -7.35
C PRO F 131 9.30 -25.12 -5.86
N PHE F 132 10.24 -24.53 -5.12
CA PHE F 132 10.40 -24.76 -3.67
C PHE F 132 11.15 -23.54 -3.14
N ARG F 133 11.09 -23.31 -1.83
CA ARG F 133 11.65 -22.06 -1.34
CA ARG F 133 11.61 -22.09 -1.19
C ARG F 133 13.12 -22.17 -0.88
N ARG F 134 13.45 -23.15 -0.04
CA ARG F 134 14.80 -23.34 0.51
C ARG F 134 15.78 -23.62 -0.62
N GLY F 135 16.86 -22.84 -0.67
CA GLY F 135 17.84 -22.98 -1.74
C GLY F 135 17.57 -22.12 -2.97
N LEU F 136 16.38 -21.53 -3.09
CA LEU F 136 16.07 -20.69 -4.26
C LEU F 136 15.56 -19.30 -3.99
N LEU F 137 14.62 -19.19 -3.05
CA LEU F 137 13.84 -17.95 -2.90
C LEU F 137 14.66 -16.74 -2.48
N GLU F 138 15.29 -16.82 -1.31
CA GLU F 138 16.14 -15.77 -0.79
C GLU F 138 17.23 -15.40 -1.82
N GLU F 139 17.82 -16.42 -2.45
CA GLU F 139 18.87 -16.23 -3.49
C GLU F 139 18.36 -15.44 -4.70
N THR F 140 17.20 -15.84 -5.23
CA THR F 140 16.57 -15.17 -6.37
C THR F 140 16.26 -13.71 -6.05
N ILE F 141 15.62 -13.48 -4.90
CA ILE F 141 15.29 -12.13 -4.44
C ILE F 141 16.56 -11.23 -4.36
N ASN F 142 17.62 -11.77 -3.77
CA ASN F 142 18.88 -11.01 -3.64
C ASN F 142 19.53 -10.74 -5.01
N LEU F 143 19.46 -11.71 -5.92
CA LEU F 143 19.98 -11.48 -7.28
C LEU F 143 19.23 -10.40 -8.04
N LEU F 144 17.90 -10.40 -7.95
CA LEU F 144 17.05 -9.39 -8.58
C LEU F 144 17.40 -8.01 -8.08
N GLU F 145 17.51 -7.86 -6.76
CA GLU F 145 17.83 -6.59 -6.15
C GLU F 145 19.26 -6.13 -6.49
N ASP F 146 20.21 -7.06 -6.45
CA ASP F 146 21.61 -6.68 -6.56
C ASP F 146 22.09 -6.38 -7.97
N ASN F 147 21.46 -7.02 -8.96
CA ASN F 147 22.00 -7.05 -10.32
C ASN F 147 21.24 -6.21 -11.34
N GLY F 148 20.43 -5.29 -10.82
CA GLY F 148 19.82 -4.28 -11.66
C GLY F 148 18.64 -4.77 -12.48
N TRP F 149 18.00 -5.86 -12.05
CA TRP F 149 16.83 -6.44 -12.71
C TRP F 149 15.51 -5.72 -12.47
N LEU F 150 15.52 -4.78 -11.52
CA LEU F 150 14.32 -4.07 -11.09
C LEU F 150 14.33 -2.56 -11.44
N ALA F 151 13.21 -2.07 -11.99
CA ALA F 151 13.00 -0.61 -12.15
C ALA F 151 12.98 0.04 -10.78
N ASP F 152 13.19 1.34 -10.72
CA ASP F 152 13.25 2.05 -9.45
C ASP F 152 12.04 1.78 -8.54
N GLU F 153 10.87 1.60 -9.15
CA GLU F 153 9.63 1.41 -8.40
CA GLU F 153 9.63 1.41 -8.40
C GLU F 153 8.95 0.08 -8.75
N ALA F 154 9.76 -0.95 -8.95
CA ALA F 154 9.27 -2.28 -9.32
C ALA F 154 8.26 -2.93 -8.35
N LEU F 155 7.41 -3.77 -8.91
CA LEU F 155 6.55 -4.63 -8.14
C LEU F 155 6.99 -6.07 -8.31
N ILE F 156 7.18 -6.76 -7.18
CA ILE F 156 7.63 -8.13 -7.23
C ILE F 156 6.62 -9.06 -6.56
N TYR F 157 6.05 -9.94 -7.39
CA TYR F 157 5.16 -10.99 -6.95
C TYR F 157 5.97 -12.22 -6.49
N VAL F 158 5.71 -12.67 -5.27
CA VAL F 158 6.42 -13.79 -4.67
C VAL F 158 5.39 -14.81 -4.19
N GLU F 159 5.48 -15.98 -4.77
CA GLU F 159 4.71 -17.12 -4.34
C GLU F 159 5.67 -18.10 -3.66
N SER F 160 5.39 -18.43 -2.40
CA SER F 160 6.20 -19.40 -1.67
C SER F 160 5.45 -20.03 -0.52
N GLU F 161 5.96 -21.16 -0.02
CA GLU F 161 5.41 -21.76 1.18
C GLU F 161 5.65 -20.84 2.39
N VAL F 162 4.69 -20.83 3.30
CA VAL F 162 4.78 -20.02 4.51
C VAL F 162 5.92 -20.50 5.43
N GLU F 163 6.48 -19.59 6.23
CA GLU F 163 7.59 -19.92 7.11
CA GLU F 163 7.58 -19.94 7.13
C GLU F 163 7.44 -19.33 8.52
N PRO F 167 9.56 -13.82 6.08
CA PRO F 167 10.42 -13.85 4.87
C PRO F 167 11.45 -12.70 4.86
N THR F 168 12.67 -12.96 4.37
CA THR F 168 13.65 -11.86 4.33
C THR F 168 13.76 -11.27 2.92
N VAL F 169 13.50 -9.97 2.85
CA VAL F 169 13.59 -9.17 1.63
C VAL F 169 14.53 -7.99 1.89
N PRO F 170 15.06 -7.37 0.82
CA PRO F 170 15.87 -6.17 1.01
C PRO F 170 15.11 -5.06 1.76
N ALA F 171 15.83 -4.20 2.48
CA ALA F 171 15.24 -3.11 3.26
C ALA F 171 14.37 -2.16 2.43
N ASN F 172 14.64 -2.09 1.12
CA ASN F 172 13.88 -1.20 0.24
C ASN F 172 12.66 -1.84 -0.48
N TRP F 173 12.30 -3.07 -0.08
CA TRP F 173 11.04 -3.71 -0.49
C TRP F 173 10.01 -3.63 0.65
N SER F 174 8.78 -3.27 0.35
CA SER F 174 7.71 -3.32 1.36
C SER F 174 6.52 -4.14 0.88
N LEU F 175 5.94 -4.88 1.82
CA LEU F 175 4.76 -5.69 1.54
C LEU F 175 3.56 -4.79 1.24
N HIS F 176 3.05 -4.92 0.01
CA HIS F 176 1.96 -4.09 -0.49
C HIS F 176 0.65 -4.88 -0.36
N ARG F 177 0.71 -6.18 -0.73
CA ARG F 177 -0.45 -7.08 -0.67
CA ARG F 177 -0.44 -7.09 -0.68
C ARG F 177 0.00 -8.49 -0.30
N GLU F 178 -0.88 -9.22 0.37
CA GLU F 178 -0.62 -10.60 0.73
C GLU F 178 -1.93 -11.38 0.79
N LYS F 179 -1.91 -12.55 0.17
CA LYS F 179 -2.89 -13.62 0.42
C LYS F 179 -2.15 -14.91 0.80
N VAL F 180 -2.55 -15.50 1.92
CA VAL F 180 -2.11 -16.82 2.35
C VAL F 180 -3.30 -17.76 2.21
N ALA F 181 -3.13 -18.84 1.46
CA ALA F 181 -4.14 -19.91 1.40
C ALA F 181 -3.48 -21.22 1.79
N GLY F 182 -3.93 -21.80 2.90
CA GLY F 182 -3.27 -22.95 3.49
C GLY F 182 -1.80 -22.67 3.82
N GLN F 183 -0.93 -23.41 3.15
CA GLN F 183 0.52 -23.33 3.40
C GLN F 183 1.25 -22.48 2.36
N VAL F 184 0.50 -21.78 1.50
CA VAL F 184 1.10 -20.98 0.42
C VAL F 184 0.80 -19.50 0.59
N ALA F 185 1.87 -18.71 0.64
CA ALA F 185 1.79 -17.26 0.59
C ALA F 185 1.97 -16.69 -0.81
N TYR F 186 1.08 -15.75 -1.17
CA TYR F 186 1.06 -15.05 -2.43
C TYR F 186 1.20 -13.57 -2.09
N ARG F 187 2.35 -13.00 -2.44
CA ARG F 187 2.74 -11.67 -1.97
C ARG F 187 3.14 -10.70 -3.07
N LEU F 188 2.77 -9.43 -2.87
CA LEU F 188 3.20 -8.39 -3.79
C LEU F 188 4.02 -7.37 -3.02
N TYR F 189 5.29 -7.24 -3.40
CA TYR F 189 6.17 -6.18 -2.84
C TYR F 189 6.30 -5.01 -3.76
N GLN F 190 6.43 -3.83 -3.15
CA GLN F 190 6.76 -2.64 -3.90
C GLN F 190 8.20 -2.28 -3.56
N ARG F 191 9.02 -2.09 -4.58
CA ARG F 191 10.38 -1.65 -4.35
C ARG F 191 10.43 -0.12 -4.38
N GLU F 192 11.41 0.46 -3.68
CA GLU F 192 11.90 1.80 -4.00
C GLU F 192 13.41 1.74 -4.24
N ALA F 193 13.92 2.55 -5.17
CA ALA F 193 15.36 2.59 -5.44
C ALA F 193 16.25 2.92 -4.23
N GLN F 194 17.44 2.31 -4.21
CA GLN F 194 18.60 2.68 -3.36
C GLN F 194 19.56 1.48 -3.17
CL CL G . -5.90 13.58 43.40
CL CL H . -18.29 5.12 29.36
C1 EDO I . -26.20 25.45 40.32
O1 EDO I . -27.52 25.62 39.75
C2 EDO I . -25.24 26.57 39.95
O2 EDO I . -23.99 25.94 39.64
CL CL J . -25.27 -8.76 16.16
CL CL K . 8.59 -4.17 -45.20
CL CL L . 16.34 -12.00 -27.99
CL CL M . 16.77 -21.72 -10.08
#